data_5M5U
#
_entry.id   5M5U
#
_cell.length_a   136.230
_cell.length_b   131.190
_cell.length_c   77.870
_cell.angle_alpha   90.00
_cell.angle_beta   115.61
_cell.angle_gamma   90.00
#
_symmetry.space_group_name_H-M   'C 1 2 1'
#
loop_
_entity.id
_entity.type
_entity.pdbx_description
1 polymer 'Clathrin heavy chain 1'
2 polymer 'Large delta antigen'
3 non-polymer GLYCEROL
4 water water
#
loop_
_entity_poly.entity_id
_entity_poly.type
_entity_poly.pdbx_seq_one_letter_code
_entity_poly.pdbx_strand_id
1 'polypeptide(L)'
;GSMAQILPIRFQEHLQLQNLGINPANIGFSTLTMESDKFICIREKVGEQAQVVIIDMNDPSNPIRRPISADSAIMNPASK
VIALKAGKTLQIFNIEMKSKMKAHTMTDDVTFWKWISLNTVALVTDNAVYHWSMEGESQPVKMFDRHSSLAGCQIINYRT
DAKQKWLLLTGISAQQNRVVGAMQLYSVDRKVSQPIEGHAASFAQFKMEGNAEESTLFCFAVRGQAGGKLHIIEVGTPPT
GNQPFPKKAVDVFFPPEAQNDFPVAMQISEKHDVVFLITKYGYIHLYDLETGTCIYMNRISGETIFVTAPHEATAGIIGV
NRKGQVLSVCVEEENIIPYITNVLQNPDLALRMAVRNNLAGAEEL
;
A,B
2 'polypeptide(L)' SDILFPADS E,F,G,H
#
loop_
_chem_comp.id
_chem_comp.type
_chem_comp.name
_chem_comp.formula
GOL non-polymer GLYCEROL 'C3 H8 O3'
#
# COMPACT_ATOMS: atom_id res chain seq x y z
N ILE A 6 21.29 5.31 -7.66
CA ILE A 6 20.42 6.44 -7.20
C ILE A 6 19.69 6.02 -5.94
N LEU A 7 19.40 6.94 -5.06
CA LEU A 7 18.84 6.54 -3.80
C LEU A 7 17.48 7.12 -3.74
N PRO A 8 16.55 6.40 -3.11
CA PRO A 8 15.22 6.92 -2.94
C PRO A 8 15.14 8.00 -1.87
N ILE A 9 16.25 8.30 -1.21
CA ILE A 9 16.24 9.30 -0.13
C ILE A 9 17.30 10.31 -0.37
N ARG A 10 17.10 11.49 0.21
CA ARG A 10 18.16 12.50 0.29
C ARG A 10 18.51 12.64 1.79
N PHE A 11 19.80 12.55 2.09
CA PHE A 11 20.32 12.47 3.43
C PHE A 11 21.24 13.68 3.56
N GLN A 12 20.99 14.55 4.56
CA GLN A 12 21.76 15.79 4.74
C GLN A 12 22.22 15.99 6.19
N GLU A 13 23.39 16.59 6.31
CA GLU A 13 23.89 17.05 7.57
C GLU A 13 23.63 18.56 7.65
N HIS A 14 22.89 19.00 8.63
CA HIS A 14 22.58 20.40 8.71
C HIS A 14 23.58 21.15 9.56
N LEU A 15 24.16 20.49 10.55
CA LEU A 15 24.88 21.17 11.56
C LEU A 15 25.68 20.17 12.31
N GLN A 16 26.82 20.61 12.83
CA GLN A 16 27.58 19.84 13.79
C GLN A 16 27.65 20.71 15.03
N LEU A 17 26.95 20.30 16.08
CA LEU A 17 26.77 21.12 17.24
C LEU A 17 28.08 21.46 17.95
N GLN A 18 29.05 20.57 17.83
CA GLN A 18 30.34 20.80 18.49
C GLN A 18 31.04 21.97 17.84
N ASN A 19 30.75 22.26 16.57
CA ASN A 19 31.24 23.49 15.96
C ASN A 19 30.60 24.73 16.52
N LEU A 20 29.57 24.64 17.36
CA LEU A 20 29.03 25.81 18.03
C LEU A 20 29.42 25.81 19.47
N GLY A 21 30.50 25.15 19.81
CA GLY A 21 30.91 25.13 21.19
C GLY A 21 30.04 24.34 22.13
N ILE A 22 29.20 23.44 21.63
CA ILE A 22 28.44 22.58 22.51
C ILE A 22 29.31 21.43 22.99
N ASN A 23 29.36 21.30 24.31
CA ASN A 23 30.03 20.22 24.95
C ASN A 23 29.29 18.93 24.63
N PRO A 24 29.98 17.98 24.04
CA PRO A 24 29.37 16.74 23.72
C PRO A 24 28.79 15.98 24.92
N ALA A 25 29.25 16.23 26.16
CA ALA A 25 28.58 15.70 27.36
C ALA A 25 27.13 16.17 27.49
N ASN A 26 26.77 17.27 26.87
CA ASN A 26 25.38 17.73 26.94
C ASN A 26 24.58 17.35 25.76
N ILE A 27 25.13 16.53 24.88
CA ILE A 27 24.41 16.11 23.75
C ILE A 27 23.85 14.74 24.09
N GLY A 28 22.68 14.74 24.73
CA GLY A 28 21.94 13.52 25.01
C GLY A 28 20.48 13.80 25.33
N PHE A 29 19.76 12.76 25.66
CA PHE A 29 18.36 12.81 25.74
C PHE A 29 17.88 13.74 26.85
N SER A 30 18.57 13.80 27.97
CA SER A 30 17.99 14.55 29.06
C SER A 30 18.44 16.04 29.03
N THR A 31 19.37 16.41 28.13
CA THR A 31 19.86 17.78 28.10
C THR A 31 19.64 18.50 26.78
N LEU A 32 19.36 17.78 25.71
CA LEU A 32 19.15 18.36 24.39
C LEU A 32 17.78 18.02 23.91
N THR A 33 16.98 19.05 23.58
CA THR A 33 15.61 18.83 23.08
C THR A 33 15.44 19.46 21.68
N MET A 34 14.66 18.80 20.89
CA MET A 34 14.36 19.28 19.60
C MET A 34 12.90 18.92 19.34
N GLU A 35 12.02 19.84 19.70
CA GLU A 35 10.60 19.62 19.66
C GLU A 35 10.05 19.85 18.29
N SER A 36 10.75 20.56 17.43
CA SER A 36 10.40 20.69 15.99
C SER A 36 11.71 21.01 15.29
N ASP A 37 11.67 21.20 13.96
CA ASP A 37 12.89 21.50 13.25
C ASP A 37 13.34 22.94 13.36
N LYS A 38 12.66 23.78 14.15
CA LYS A 38 13.02 25.19 14.20
C LYS A 38 14.09 25.52 15.25
N PHE A 39 14.12 24.79 16.34
CA PHE A 39 15.04 25.06 17.38
C PHE A 39 15.65 23.80 17.96
N ILE A 40 16.86 23.93 18.45
CA ILE A 40 17.41 22.94 19.34
C ILE A 40 17.79 23.63 20.64
N CYS A 41 17.52 22.96 21.73
N CYS A 41 17.49 22.98 21.74
CA CYS A 41 17.71 23.52 23.01
CA CYS A 41 17.71 23.52 23.07
C CYS A 41 18.61 22.61 23.87
C CYS A 41 18.62 22.61 23.88
N ILE A 42 19.72 23.17 24.40
CA ILE A 42 20.65 22.40 25.21
C ILE A 42 20.90 23.03 26.58
N ARG A 43 20.72 22.26 27.64
CA ARG A 43 21.08 22.67 28.98
C ARG A 43 22.53 22.28 29.18
N GLU A 44 23.33 23.21 29.65
CA GLU A 44 24.76 23.01 29.97
C GLU A 44 25.03 23.65 31.30
N LYS A 45 26.02 23.15 32.05
CA LYS A 45 26.52 23.85 33.28
C LYS A 45 27.82 24.44 32.94
N VAL A 46 27.90 25.77 32.95
CA VAL A 46 29.15 26.49 32.73
C VAL A 46 29.65 26.95 34.10
N GLY A 47 30.79 26.40 34.51
CA GLY A 47 31.22 26.53 35.89
C GLY A 47 30.18 25.94 36.83
N GLU A 48 29.68 26.78 37.74
CA GLU A 48 28.63 26.38 38.69
C GLU A 48 27.23 26.73 38.17
N GLN A 49 27.17 27.53 37.12
CA GLN A 49 25.91 28.05 36.60
C GLN A 49 25.27 27.18 35.49
N ALA A 50 24.01 26.82 35.69
CA ALA A 50 23.24 26.16 34.65
C ALA A 50 22.83 27.16 33.58
N GLN A 51 22.94 26.79 32.32
CA GLN A 51 22.36 27.63 31.28
C GLN A 51 21.67 26.85 30.18
N VAL A 52 20.91 27.55 29.37
CA VAL A 52 20.30 26.93 28.20
C VAL A 52 20.82 27.58 26.93
N VAL A 53 21.20 26.78 25.96
CA VAL A 53 21.62 27.28 24.74
C VAL A 53 20.52 26.93 23.72
N ILE A 54 20.03 27.93 23.02
CA ILE A 54 18.97 27.79 22.05
C ILE A 54 19.53 28.09 20.73
N ILE A 55 19.48 27.11 19.86
CA ILE A 55 19.96 27.25 18.53
C ILE A 55 18.76 27.41 17.60
N ASP A 56 18.67 28.55 16.96
CA ASP A 56 17.67 28.82 15.94
C ASP A 56 18.20 28.16 14.68
N MET A 57 17.48 27.17 14.17
CA MET A 57 17.91 26.44 13.00
C MET A 57 17.90 27.27 11.73
N ASN A 58 17.25 28.43 11.78
CA ASN A 58 17.33 29.36 10.68
C ASN A 58 18.45 30.35 10.83
N ASP A 59 19.14 30.32 11.98
CA ASP A 59 20.28 31.19 12.21
C ASP A 59 21.23 30.55 13.24
N PRO A 60 21.82 29.42 12.87
CA PRO A 60 22.53 28.57 13.81
C PRO A 60 23.88 29.08 14.33
N SER A 61 24.52 30.01 13.63
CA SER A 61 25.77 30.59 14.14
C SER A 61 25.54 31.56 15.23
N ASN A 62 24.29 31.89 15.53
CA ASN A 62 24.04 32.83 16.59
C ASN A 62 23.14 32.31 17.69
N PRO A 63 23.65 31.36 18.48
CA PRO A 63 22.82 30.77 19.51
C PRO A 63 22.57 31.78 20.60
N ILE A 64 21.43 31.69 21.25
CA ILE A 64 21.09 32.46 22.43
C ILE A 64 21.50 31.59 23.66
N ARG A 65 22.28 32.13 24.60
CA ARG A 65 22.60 31.48 25.89
C ARG A 65 21.94 32.28 27.03
N ARG A 66 21.24 31.60 27.95
CA ARG A 66 20.62 32.25 29.06
C ARG A 66 20.83 31.42 30.30
N PRO A 67 21.11 32.07 31.43
CA PRO A 67 21.11 31.32 32.69
C PRO A 67 19.73 30.74 33.01
N ILE A 68 19.70 29.54 33.59
CA ILE A 68 18.47 28.93 34.04
C ILE A 68 18.67 28.22 35.33
N SER A 69 17.58 27.87 36.01
CA SER A 69 17.58 26.95 37.11
C SER A 69 16.54 25.96 36.86
N ALA A 70 16.69 25.20 35.80
CA ALA A 70 15.66 24.30 35.32
C ALA A 70 16.32 22.98 35.09
N ASP A 71 15.59 21.91 35.34
CA ASP A 71 16.05 20.60 35.03
C ASP A 71 15.58 20.15 33.66
N SER A 72 14.82 20.98 32.95
CA SER A 72 14.35 20.60 31.63
C SER A 72 13.85 21.82 30.90
N ALA A 73 14.14 21.85 29.62
CA ALA A 73 13.77 22.97 28.74
C ALA A 73 13.25 22.47 27.41
N ILE A 74 12.03 22.87 27.07
CA ILE A 74 11.50 22.51 25.77
C ILE A 74 10.89 23.71 25.05
N MET A 75 11.40 23.92 23.86
CA MET A 75 10.94 25.03 23.07
C MET A 75 9.64 24.69 22.37
N ASN A 76 8.77 25.68 22.25
CA ASN A 76 7.58 25.57 21.41
C ASN A 76 7.96 25.17 19.95
N PRO A 77 7.13 24.42 19.29
CA PRO A 77 7.50 24.00 17.94
C PRO A 77 7.62 25.17 16.95
N ALA A 78 6.94 26.28 17.20
CA ALA A 78 6.91 27.32 16.18
C ALA A 78 7.41 28.68 16.61
N SER A 79 7.46 28.96 17.88
CA SER A 79 7.70 30.31 18.37
C SER A 79 8.79 30.24 19.43
N LYS A 80 9.46 31.34 19.65
CA LYS A 80 10.41 31.46 20.78
C LYS A 80 9.77 31.54 22.14
N VAL A 81 9.12 30.49 22.53
CA VAL A 81 8.35 30.44 23.74
C VAL A 81 8.88 29.19 24.35
N ILE A 82 9.43 29.26 25.55
CA ILE A 82 10.12 28.11 26.06
C ILE A 82 9.38 27.63 27.27
N ALA A 83 9.22 26.32 27.43
CA ALA A 83 8.81 25.75 28.71
C ALA A 83 9.94 25.17 29.53
N LEU A 84 9.98 25.61 30.78
CA LEU A 84 11.01 25.21 31.70
C LEU A 84 10.46 24.66 32.99
N LYS A 85 11.10 23.65 33.52
CA LYS A 85 10.67 23.16 34.84
C LYS A 85 11.81 22.92 35.78
N ALA A 86 11.53 23.06 37.05
CA ALA A 86 12.45 22.75 38.13
C ALA A 86 11.64 21.98 39.12
N GLY A 87 11.66 20.66 39.01
CA GLY A 87 10.90 19.83 39.99
C GLY A 87 9.44 19.94 39.67
N LYS A 88 8.67 20.52 40.56
CA LYS A 88 7.24 20.63 40.37
C LYS A 88 6.81 21.99 39.76
N THR A 89 7.75 22.93 39.68
CA THR A 89 7.50 24.24 39.16
C THR A 89 7.59 24.23 37.63
N LEU A 90 6.51 24.60 36.94
CA LEU A 90 6.55 24.76 35.49
C LEU A 90 6.41 26.20 35.17
N GLN A 91 7.25 26.71 34.28
CA GLN A 91 7.12 28.11 33.78
C GLN A 91 7.28 28.19 32.28
N ILE A 92 6.41 28.97 31.65
CA ILE A 92 6.42 29.18 30.26
C ILE A 92 6.79 30.62 30.03
N PHE A 93 7.81 30.84 29.21
CA PHE A 93 8.32 32.16 28.93
C PHE A 93 8.28 32.53 27.49
N ASN A 94 7.82 33.72 27.19
CA ASN A 94 7.97 34.23 25.80
C ASN A 94 9.31 34.98 25.81
N ILE A 95 10.29 34.48 25.07
CA ILE A 95 11.65 34.96 25.18
C ILE A 95 11.74 36.38 24.63
N GLU A 96 11.14 36.61 23.49
CA GLU A 96 11.21 37.93 22.85
C GLU A 96 10.46 38.95 23.65
N MET A 97 9.40 38.57 24.33
CA MET A 97 8.68 39.53 25.14
C MET A 97 9.26 39.61 26.57
N LYS A 98 10.23 38.78 26.85
CA LYS A 98 10.85 38.73 28.17
C LYS A 98 9.85 38.55 29.26
N SER A 99 8.83 37.71 29.03
CA SER A 99 7.73 37.59 29.97
C SER A 99 7.44 36.12 30.29
N LYS A 100 7.09 35.92 31.53
CA LYS A 100 6.49 34.68 31.98
C LYS A 100 5.00 34.66 31.60
N MET A 101 4.67 33.86 30.64
CA MET A 101 3.30 33.71 30.21
C MET A 101 2.45 32.92 31.23
N LYS A 102 3.01 31.81 31.69
CA LYS A 102 2.27 30.88 32.53
C LYS A 102 3.20 30.24 33.51
N ALA A 103 2.65 29.91 34.67
CA ALA A 103 3.33 29.16 35.67
C ALA A 103 2.32 28.24 36.29
N HIS A 104 2.79 27.07 36.72
CA HIS A 104 1.94 26.15 37.41
C HIS A 104 2.83 25.35 38.33
N THR A 105 2.33 24.97 39.48
CA THR A 105 3.04 24.02 40.34
C THR A 105 2.33 22.70 40.37
N MET A 106 2.99 21.64 39.88
CA MET A 106 2.42 20.33 39.91
C MET A 106 2.41 19.77 41.33
N THR A 107 1.67 18.71 41.61
CA THR A 107 1.82 18.00 42.86
C THR A 107 2.60 16.71 42.69
N ASP A 108 3.18 16.50 41.54
CA ASP A 108 4.09 15.35 41.26
C ASP A 108 5.20 15.83 40.34
N ASP A 109 6.35 15.21 40.39
CA ASP A 109 7.36 15.46 39.38
C ASP A 109 6.94 14.99 38.02
N VAL A 110 7.37 15.76 37.04
CA VAL A 110 7.16 15.51 35.67
C VAL A 110 8.39 14.77 35.13
N THR A 111 8.24 13.53 34.73
CA THR A 111 9.37 12.75 34.26
C THR A 111 9.55 12.89 32.76
N PHE A 112 8.55 13.34 32.03
CA PHE A 112 8.72 13.59 30.61
C PHE A 112 7.70 14.60 30.23
N TRP A 113 8.09 15.56 29.36
CA TRP A 113 7.10 16.40 28.78
C TRP A 113 7.49 16.76 27.38
N LYS A 114 6.52 17.26 26.67
CA LYS A 114 6.66 17.55 25.24
C LYS A 114 5.53 18.43 24.73
N TRP A 115 5.85 19.32 23.79
CA TRP A 115 4.84 20.00 23.04
C TRP A 115 4.19 19.04 22.06
N ILE A 116 2.88 18.84 22.17
CA ILE A 116 2.20 17.94 21.28
C ILE A 116 1.52 18.69 20.17
N SER A 117 1.42 20.01 20.27
CA SER A 117 0.90 20.84 19.23
C SER A 117 1.55 22.19 19.40
N LEU A 118 1.12 23.16 18.60
CA LEU A 118 1.58 24.52 18.71
C LEU A 118 1.24 25.20 20.03
N ASN A 119 0.25 24.67 20.73
CA ASN A 119 -0.13 25.28 21.92
C ASN A 119 -0.52 24.40 23.07
N THR A 120 -0.12 23.16 23.04
CA THR A 120 -0.39 22.30 24.19
C THR A 120 0.89 21.58 24.53
N VAL A 121 1.18 21.62 25.79
CA VAL A 121 2.22 20.81 26.37
C VAL A 121 1.66 19.55 27.03
N ALA A 122 2.24 18.38 26.79
CA ALA A 122 1.89 17.18 27.49
C ALA A 122 2.86 16.95 28.60
N LEU A 123 2.34 16.47 29.72
CA LEU A 123 3.13 16.27 30.93
C LEU A 123 2.86 14.88 31.46
N VAL A 124 3.92 14.12 31.65
CA VAL A 124 3.85 12.81 32.14
C VAL A 124 4.51 12.78 33.52
N THR A 125 3.75 12.28 34.49
CA THR A 125 4.24 11.98 35.83
C THR A 125 4.36 10.49 35.99
N ASP A 126 4.74 10.04 37.17
CA ASP A 126 4.82 8.63 37.41
C ASP A 126 3.50 7.95 37.23
N ASN A 127 2.41 8.65 37.46
CA ASN A 127 1.05 8.07 37.49
C ASN A 127 0.09 8.38 36.39
N ALA A 128 0.35 9.42 35.61
CA ALA A 128 -0.66 9.96 34.73
C ALA A 128 -0.08 10.87 33.69
N VAL A 129 -0.93 11.19 32.72
CA VAL A 129 -0.58 12.09 31.65
C VAL A 129 -1.59 13.21 31.60
N TYR A 130 -1.07 14.41 31.44
CA TYR A 130 -1.81 15.64 31.44
C TYR A 130 -1.53 16.39 30.20
N HIS A 131 -2.53 17.17 29.78
CA HIS A 131 -2.33 18.17 28.71
C HIS A 131 -2.54 19.53 29.33
N TRP A 132 -1.66 20.46 28.96
CA TRP A 132 -1.74 21.83 29.40
C TRP A 132 -1.76 22.75 28.21
N SER A 133 -2.94 23.35 28.00
CA SER A 133 -3.11 24.29 26.90
C SER A 133 -2.54 25.63 27.25
N MET A 134 -1.90 26.31 26.30
CA MET A 134 -1.43 27.67 26.52
C MET A 134 -2.50 28.76 26.36
N GLU A 135 -3.67 28.41 25.87
CA GLU A 135 -4.76 29.36 25.69
C GLU A 135 -5.39 29.86 26.98
N GLY A 136 -5.63 31.15 27.07
CA GLY A 136 -6.37 31.72 28.20
C GLY A 136 -5.74 31.32 29.52
N GLU A 137 -6.54 30.89 30.46
CA GLU A 137 -6.05 30.59 31.80
C GLU A 137 -6.11 29.09 32.15
N SER A 138 -5.94 28.22 31.19
CA SER A 138 -6.02 26.82 31.41
C SER A 138 -4.98 26.31 32.34
N GLN A 139 -5.37 25.40 33.20
CA GLN A 139 -4.44 24.60 33.95
C GLN A 139 -4.35 23.19 33.31
N PRO A 140 -3.39 22.40 33.75
CA PRO A 140 -3.31 21.03 33.26
C PRO A 140 -4.56 20.18 33.56
N VAL A 141 -4.90 19.32 32.58
CA VAL A 141 -6.02 18.45 32.62
C VAL A 141 -5.46 17.04 32.48
N LYS A 142 -5.91 16.16 33.35
CA LYS A 142 -5.53 14.83 33.25
C LYS A 142 -6.22 14.17 32.07
N MET A 143 -5.45 13.51 31.21
CA MET A 143 -5.98 12.77 30.07
C MET A 143 -6.28 11.29 30.37
N PHE A 144 -5.35 10.63 31.07
CA PHE A 144 -5.55 9.29 31.56
C PHE A 144 -4.52 8.94 32.61
N ASP A 145 -4.80 7.86 33.32
CA ASP A 145 -3.85 7.33 34.28
C ASP A 145 -2.97 6.37 33.56
N ARG A 146 -1.72 6.29 33.98
CA ARG A 146 -0.79 5.33 33.33
C ARG A 146 -1.13 3.89 33.63
N HIS A 147 -0.95 3.04 32.64
CA HIS A 147 -1.16 1.68 32.80
C HIS A 147 0.04 1.06 33.59
N SER A 148 -0.22 0.02 34.37
CA SER A 148 0.82 -0.61 35.17
C SER A 148 1.90 -1.26 34.31
N SER A 149 1.60 -1.53 33.02
CA SER A 149 2.59 -2.14 32.13
C SER A 149 3.74 -1.16 31.83
N LEU A 150 3.55 0.11 32.12
CA LEU A 150 4.66 1.12 31.96
C LEU A 150 5.35 1.45 33.26
N ALA A 151 5.00 0.73 34.33
CA ALA A 151 5.59 1.06 35.63
C ALA A 151 7.08 0.75 35.59
N GLY A 152 7.94 1.65 36.03
CA GLY A 152 9.37 1.38 35.95
C GLY A 152 10.04 1.73 34.63
N CYS A 153 9.27 2.08 33.59
CA CYS A 153 9.87 2.42 32.30
C CYS A 153 10.46 3.77 32.32
N GLN A 154 11.52 3.93 31.56
CA GLN A 154 11.92 5.27 31.16
C GLN A 154 10.98 5.71 30.07
N ILE A 155 10.26 6.78 30.32
CA ILE A 155 9.39 7.34 29.29
C ILE A 155 10.20 8.07 28.23
N ILE A 156 9.97 7.73 26.96
CA ILE A 156 10.77 8.25 25.86
C ILE A 156 9.95 8.96 24.79
N ASN A 157 8.65 8.79 24.81
CA ASN A 157 7.86 9.53 23.87
C ASN A 157 6.38 9.62 24.24
N TYR A 158 5.72 10.63 23.70
CA TYR A 158 4.29 10.79 23.84
C TYR A 158 3.84 11.47 22.61
N ARG A 159 2.80 10.94 21.97
CA ARG A 159 2.34 11.45 20.68
C ARG A 159 0.83 11.36 20.69
N THR A 160 0.21 12.11 19.82
CA THR A 160 -1.20 12.01 19.61
C THR A 160 -1.53 12.04 18.15
N ASP A 161 -2.78 11.69 17.83
CA ASP A 161 -3.22 11.89 16.47
C ASP A 161 -3.57 13.36 16.37
N ALA A 162 -3.95 13.74 15.16
CA ALA A 162 -4.18 15.14 14.85
C ALA A 162 -5.33 15.72 15.67
N LYS A 163 -6.36 14.94 15.96
CA LYS A 163 -7.49 15.45 16.72
C LYS A 163 -7.35 15.29 18.19
N GLN A 164 -6.23 14.75 18.67
CA GLN A 164 -6.02 14.53 20.08
C GLN A 164 -7.12 13.65 20.65
N LYS A 165 -7.48 12.62 19.91
CA LYS A 165 -8.45 11.63 20.39
C LYS A 165 -7.83 10.27 20.71
N TRP A 166 -6.60 10.10 20.22
CA TRP A 166 -5.77 8.93 20.42
C TRP A 166 -4.44 9.39 20.90
N LEU A 167 -4.08 8.84 22.06
CA LEU A 167 -2.90 9.33 22.79
C LEU A 167 -2.00 8.14 23.02
N LEU A 168 -0.72 8.33 22.86
CA LEU A 168 0.20 7.20 22.93
C LEU A 168 1.38 7.51 23.79
N LEU A 169 1.50 6.77 24.87
CA LEU A 169 2.65 6.95 25.77
C LEU A 169 3.64 5.79 25.53
N THR A 170 4.95 6.07 25.43
CA THR A 170 5.93 5.02 25.21
C THR A 170 7.04 5.02 26.26
N GLY A 171 7.24 3.87 26.88
CA GLY A 171 8.34 3.68 27.79
C GLY A 171 9.22 2.52 27.37
N ILE A 172 10.42 2.46 27.92
CA ILE A 172 11.30 1.33 27.72
C ILE A 172 11.94 0.93 28.99
N SER A 173 12.27 -0.32 29.10
CA SER A 173 12.99 -0.85 30.27
C SER A 173 13.73 -2.05 29.79
N ALA A 174 14.53 -2.64 30.65
CA ALA A 174 15.23 -3.91 30.34
C ALA A 174 14.44 -5.11 30.88
N GLN A 175 14.17 -6.11 30.05
CA GLN A 175 13.54 -7.35 30.44
C GLN A 175 14.29 -8.42 29.64
N GLN A 176 14.82 -9.42 30.33
CA GLN A 176 15.62 -10.50 29.73
C GLN A 176 16.75 -10.01 28.86
N ASN A 177 17.50 -9.06 29.40
CA ASN A 177 18.59 -8.42 28.71
C ASN A 177 18.29 -7.97 27.28
N ARG A 178 17.11 -7.46 27.07
CA ARG A 178 16.87 -6.61 25.95
C ARG A 178 16.02 -5.43 26.36
N VAL A 179 16.03 -4.42 25.47
CA VAL A 179 15.25 -3.24 25.66
C VAL A 179 13.83 -3.53 25.16
N VAL A 180 12.88 -3.50 26.06
CA VAL A 180 11.52 -3.80 25.72
C VAL A 180 10.70 -2.51 25.80
N GLY A 181 9.91 -2.28 24.76
CA GLY A 181 9.07 -1.11 24.69
C GLY A 181 7.70 -1.42 25.17
N ALA A 182 7.14 -0.49 25.94
CA ALA A 182 5.81 -0.63 26.45
C ALA A 182 5.08 0.65 26.10
N MET A 183 3.97 0.46 25.39
CA MET A 183 3.14 1.55 24.96
C MET A 183 1.78 1.44 25.61
N GLN A 184 1.19 2.60 25.80
CA GLN A 184 -0.16 2.75 26.31
C GLN A 184 -0.86 3.63 25.31
N LEU A 185 -1.82 3.03 24.58
CA LEU A 185 -2.64 3.71 23.60
C LEU A 185 -3.97 4.03 24.26
N TYR A 186 -4.33 5.30 24.37
CA TYR A 186 -5.58 5.71 25.08
C TYR A 186 -6.53 6.34 24.18
N SER A 187 -7.78 5.89 24.22
CA SER A 187 -8.85 6.50 23.41
C SER A 187 -9.54 7.50 24.28
N VAL A 188 -9.47 8.74 23.85
CA VAL A 188 -10.20 9.78 24.57
C VAL A 188 -11.67 9.57 24.56
N ASP A 189 -12.24 9.14 23.44
CA ASP A 189 -13.69 8.95 23.38
C ASP A 189 -14.17 7.72 24.11
N ARG A 190 -13.42 6.62 24.09
CA ARG A 190 -13.91 5.43 24.77
C ARG A 190 -13.44 5.32 26.21
N LYS A 191 -12.45 6.11 26.57
CA LYS A 191 -11.79 6.07 27.88
C LYS A 191 -11.27 4.73 28.23
N VAL A 192 -10.56 4.11 27.29
CA VAL A 192 -10.09 2.78 27.45
C VAL A 192 -8.61 2.85 27.06
N SER A 193 -7.74 2.23 27.85
CA SER A 193 -6.35 2.11 27.46
C SER A 193 -6.09 0.73 26.91
N GLN A 194 -5.19 0.66 25.97
CA GLN A 194 -4.67 -0.59 25.46
C GLN A 194 -3.14 -0.68 25.57
N PRO A 195 -2.63 -1.62 26.33
CA PRO A 195 -1.19 -1.86 26.40
C PRO A 195 -0.72 -2.54 25.14
N ILE A 196 0.39 -2.11 24.59
CA ILE A 196 0.91 -2.66 23.38
C ILE A 196 2.43 -2.73 23.55
N GLU A 197 3.06 -3.85 23.19
CA GLU A 197 4.49 -3.87 23.10
C GLU A 197 4.97 -3.12 21.84
N GLY A 198 5.73 -2.06 22.00
CA GLY A 198 6.18 -1.27 20.87
C GLY A 198 7.25 -0.34 21.28
N HIS A 199 8.12 -0.01 20.33
CA HIS A 199 9.28 0.86 20.60
C HIS A 199 9.21 2.26 20.06
N ALA A 200 8.55 2.42 18.94
CA ALA A 200 8.39 3.73 18.32
C ALA A 200 7.13 3.74 17.46
N ALA A 201 6.46 4.88 17.38
CA ALA A 201 5.19 4.93 16.79
C ALA A 201 4.93 6.32 16.29
N SER A 202 3.91 6.42 15.42
CA SER A 202 3.33 7.66 14.99
C SER A 202 1.91 7.45 14.51
N PHE A 203 1.11 8.50 14.59
CA PHE A 203 -0.20 8.53 13.97
C PHE A 203 -0.07 9.21 12.62
N ALA A 204 -1.05 9.00 11.75
CA ALA A 204 -1.06 9.73 10.50
C ALA A 204 -2.49 9.75 9.93
N GLN A 205 -2.78 10.78 9.15
CA GLN A 205 -4.03 10.88 8.44
C GLN A 205 -3.77 10.35 7.04
N PHE A 206 -4.65 9.46 6.60
CA PHE A 206 -4.52 8.87 5.32
C PHE A 206 -5.88 8.67 4.73
N LYS A 207 -6.07 9.21 3.51
CA LYS A 207 -7.28 9.02 2.80
C LYS A 207 -7.20 7.90 1.76
N MET A 208 -7.94 6.82 2.00
CA MET A 208 -8.00 5.68 1.13
C MET A 208 -8.81 6.02 -0.12
N GLU A 209 -8.37 5.45 -1.25
CA GLU A 209 -9.12 5.57 -2.48
C GLU A 209 -10.51 5.05 -2.24
N GLY A 210 -11.54 5.72 -2.73
CA GLY A 210 -12.91 5.25 -2.49
C GLY A 210 -13.52 5.69 -1.18
N ASN A 211 -12.75 6.33 -0.31
CA ASN A 211 -13.32 6.93 0.90
C ASN A 211 -13.48 8.42 0.80
N ALA A 212 -14.55 8.93 1.39
CA ALA A 212 -14.77 10.35 1.46
C ALA A 212 -13.99 11.00 2.58
N GLU A 213 -13.72 10.29 3.68
CA GLU A 213 -12.97 10.90 4.76
C GLU A 213 -11.60 10.24 4.97
N GLU A 214 -10.67 11.04 5.47
CA GLU A 214 -9.39 10.54 5.99
C GLU A 214 -9.63 9.52 7.08
N SER A 215 -8.79 8.49 7.09
CA SER A 215 -8.66 7.53 8.18
C SER A 215 -7.57 8.04 9.09
N THR A 216 -7.70 7.76 10.38
CA THR A 216 -6.63 7.95 11.31
C THR A 216 -5.89 6.63 11.51
N LEU A 217 -4.63 6.60 11.11
CA LEU A 217 -3.82 5.42 11.25
C LEU A 217 -2.82 5.52 12.39
N PHE A 218 -2.55 4.40 13.01
CA PHE A 218 -1.60 4.29 14.07
C PHE A 218 -0.56 3.36 13.53
N CYS A 219 0.69 3.80 13.48
CA CYS A 219 1.81 2.98 12.99
C CYS A 219 2.83 2.77 14.08
N PHE A 220 3.16 1.53 14.40
CA PHE A 220 4.19 1.32 15.40
C PHE A 220 5.11 0.21 15.01
N ALA A 221 6.34 0.37 15.43
CA ALA A 221 7.37 -0.61 15.17
C ALA A 221 7.83 -1.15 16.49
N VAL A 222 8.22 -2.40 16.47
CA VAL A 222 8.64 -3.09 17.66
C VAL A 222 9.67 -4.10 17.29
N ARG A 223 10.66 -4.25 18.15
CA ARG A 223 11.45 -5.46 18.16
C ARG A 223 11.07 -6.30 19.35
N GLY A 224 10.34 -7.36 19.06
CA GLY A 224 9.84 -8.26 20.09
C GLY A 224 10.59 -9.57 20.15
N GLN A 225 9.94 -10.56 20.76
CA GLN A 225 10.41 -11.94 20.72
C GLN A 225 10.37 -12.47 19.26
N ALA A 226 9.25 -12.22 18.57
CA ALA A 226 9.11 -12.49 17.12
C ALA A 226 10.03 -11.66 16.17
N GLY A 227 10.99 -10.89 16.68
CA GLY A 227 11.81 -10.05 15.84
C GLY A 227 11.11 -8.76 15.54
N GLY A 228 11.58 -8.08 14.51
CA GLY A 228 11.11 -6.74 14.22
C GLY A 228 9.83 -6.79 13.45
N LYS A 229 8.90 -5.92 13.82
CA LYS A 229 7.62 -5.84 13.22
C LYS A 229 7.14 -4.40 13.14
N LEU A 230 6.44 -4.09 12.08
CA LEU A 230 5.87 -2.76 11.88
C LEU A 230 4.41 -2.99 11.61
N HIS A 231 3.55 -2.24 12.26
CA HIS A 231 2.13 -2.42 12.11
C HIS A 231 1.55 -1.12 11.74
N ILE A 232 0.55 -1.18 10.91
CA ILE A 232 -0.19 0.01 10.50
C ILE A 232 -1.65 -0.34 10.61
N ILE A 233 -2.40 0.35 11.48
CA ILE A 233 -3.83 0.05 11.66
C ILE A 233 -4.62 1.32 11.77
N GLU A 234 -5.91 1.22 11.48
CA GLU A 234 -6.79 2.32 11.66
C GLU A 234 -7.20 2.33 13.15
N VAL A 235 -7.23 3.46 13.77
CA VAL A 235 -7.73 3.48 15.13
C VAL A 235 -9.09 4.08 15.15
N GLY A 236 -9.98 3.42 15.83
CA GLY A 236 -11.29 3.99 15.99
C GLY A 236 -12.19 3.45 14.87
N THR A 237 -13.42 3.92 14.93
CA THR A 237 -14.43 3.49 14.05
C THR A 237 -14.31 4.31 12.79
N PRO A 238 -14.35 3.66 11.62
CA PRO A 238 -14.15 4.50 10.47
C PRO A 238 -15.22 5.55 10.43
N PRO A 239 -14.89 6.77 9.97
CA PRO A 239 -15.95 7.71 9.63
C PRO A 239 -17.06 7.07 8.82
N THR A 240 -18.29 7.50 9.04
CA THR A 240 -19.43 6.95 8.33
C THR A 240 -19.22 7.06 6.86
N GLY A 241 -19.56 6.03 6.11
CA GLY A 241 -19.31 6.02 4.69
C GLY A 241 -17.92 5.52 4.30
N ASN A 242 -16.98 5.37 5.23
CA ASN A 242 -15.65 4.86 4.85
C ASN A 242 -15.52 3.34 4.85
N GLN A 243 -14.72 2.79 3.96
CA GLN A 243 -14.17 1.47 4.19
C GLN A 243 -13.09 1.55 5.28
N PRO A 244 -12.97 0.49 6.10
CA PRO A 244 -11.87 0.39 7.06
C PRO A 244 -10.60 0.16 6.34
N PHE A 245 -9.54 0.70 6.89
CA PHE A 245 -8.24 0.47 6.37
C PHE A 245 -7.83 -0.91 6.73
N PRO A 246 -7.39 -1.69 5.76
CA PRO A 246 -6.89 -3.02 6.06
C PRO A 246 -5.57 -2.99 6.84
N LYS A 247 -5.53 -3.64 7.99
CA LYS A 247 -4.35 -3.73 8.84
C LYS A 247 -3.14 -4.20 8.06
N LYS A 248 -1.99 -3.60 8.27
CA LYS A 248 -0.79 -4.17 7.72
C LYS A 248 0.16 -4.52 8.83
N ALA A 249 0.96 -5.55 8.58
CA ALA A 249 2.01 -6.04 9.48
C ALA A 249 3.13 -6.47 8.62
N VAL A 250 4.32 -5.95 8.82
CA VAL A 250 5.44 -6.37 8.03
C VAL A 250 6.66 -6.55 8.90
N ASP A 251 7.67 -7.22 8.40
CA ASP A 251 8.90 -7.40 9.17
C ASP A 251 9.70 -6.13 9.18
N VAL A 252 10.41 -5.91 10.29
CA VAL A 252 11.39 -4.87 10.38
C VAL A 252 12.73 -5.60 10.48
N PHE A 253 13.60 -5.39 9.51
CA PHE A 253 14.87 -6.14 9.49
C PHE A 253 15.94 -5.54 10.43
N PHE A 254 16.55 -6.38 11.26
CA PHE A 254 17.77 -6.03 12.00
C PHE A 254 18.87 -6.98 11.60
N PRO A 255 20.02 -6.47 11.16
CA PRO A 255 21.05 -7.40 10.73
C PRO A 255 21.66 -8.12 11.90
N PRO A 256 22.30 -9.26 11.65
CA PRO A 256 22.80 -10.09 12.77
C PRO A 256 23.83 -9.41 13.69
N GLU A 257 24.57 -8.43 13.16
CA GLU A 257 25.52 -7.69 13.94
C GLU A 257 24.87 -6.53 14.74
N ALA A 258 23.55 -6.34 14.61
CA ALA A 258 22.82 -5.25 15.34
C ALA A 258 21.82 -5.88 16.29
N GLN A 259 22.34 -6.76 17.11
CA GLN A 259 21.49 -7.64 17.85
C GLN A 259 20.79 -6.94 19.01
N ASN A 260 21.31 -5.79 19.46
CA ASN A 260 20.69 -5.01 20.51
C ASN A 260 20.06 -3.74 20.03
N ASP A 261 19.91 -3.59 18.71
CA ASP A 261 19.31 -2.40 18.16
C ASP A 261 17.81 -2.55 18.28
N PHE A 262 17.12 -1.43 18.32
CA PHE A 262 15.69 -1.40 18.31
C PHE A 262 15.22 -0.05 17.73
N PRO A 263 13.94 0.08 17.37
CA PRO A 263 13.44 1.30 16.76
C PRO A 263 13.38 2.40 17.80
N VAL A 264 13.86 3.60 17.48
CA VAL A 264 13.75 4.70 18.43
C VAL A 264 12.97 5.84 17.95
N ALA A 265 12.72 5.96 16.68
CA ALA A 265 11.99 7.12 16.25
C ALA A 265 11.19 6.82 15.00
N MET A 266 10.06 7.48 14.90
CA MET A 266 9.28 7.37 13.72
C MET A 266 8.72 8.68 13.33
N GLN A 267 8.73 9.00 12.04
CA GLN A 267 7.93 10.10 11.56
C GLN A 267 7.31 9.64 10.26
N ILE A 268 6.17 10.20 9.98
CA ILE A 268 5.47 9.81 8.82
C ILE A 268 5.28 11.00 7.92
N SER A 269 5.65 10.91 6.66
CA SER A 269 5.34 11.98 5.69
C SER A 269 3.95 11.78 5.09
N GLU A 270 3.03 12.70 5.33
CA GLU A 270 1.74 12.64 4.70
C GLU A 270 1.79 13.27 3.32
N LYS A 271 2.88 13.96 2.97
CA LYS A 271 3.12 14.38 1.60
C LYS A 271 3.40 13.18 0.67
N HIS A 272 4.14 12.21 1.13
CA HIS A 272 4.52 11.04 0.28
C HIS A 272 3.90 9.72 0.76
N ASP A 273 3.21 9.79 1.89
CA ASP A 273 2.68 8.60 2.57
C ASP A 273 3.74 7.57 2.76
N VAL A 274 4.79 7.99 3.45
CA VAL A 274 5.94 7.17 3.74
C VAL A 274 6.25 7.23 5.23
N VAL A 275 6.70 6.13 5.81
CA VAL A 275 7.07 6.02 7.21
C VAL A 275 8.57 5.95 7.30
N PHE A 276 9.17 6.88 8.02
CA PHE A 276 10.57 6.84 8.31
C PHE A 276 10.77 6.26 9.68
N LEU A 277 11.65 5.29 9.79
CA LEU A 277 11.93 4.64 11.05
C LEU A 277 13.43 4.65 11.28
N ILE A 278 13.82 5.14 12.43
CA ILE A 278 15.17 5.18 12.75
C ILE A 278 15.40 4.32 13.95
N THR A 279 16.51 3.60 13.93
CA THR A 279 16.85 2.72 15.04
C THR A 279 17.88 3.38 15.90
N LYS A 280 18.06 2.80 17.07
CA LYS A 280 18.90 3.47 18.08
C LYS A 280 20.29 3.57 17.58
N TYR A 281 20.77 2.56 16.87
CA TYR A 281 22.13 2.54 16.39
C TYR A 281 22.28 3.02 14.94
N GLY A 282 21.32 3.80 14.50
CA GLY A 282 21.53 4.66 13.35
C GLY A 282 21.14 4.10 12.02
N TYR A 283 20.18 3.19 11.97
CA TYR A 283 19.71 2.66 10.68
C TYR A 283 18.40 3.38 10.32
N ILE A 284 18.23 3.72 9.05
CA ILE A 284 17.05 4.37 8.56
C ILE A 284 16.30 3.29 7.70
N HIS A 285 14.99 3.16 7.92
CA HIS A 285 14.10 2.36 7.10
C HIS A 285 13.01 3.29 6.58
N LEU A 286 12.55 3.02 5.36
CA LEU A 286 11.38 3.66 4.82
C LEU A 286 10.41 2.62 4.46
N TYR A 287 9.16 2.90 4.80
CA TYR A 287 8.09 2.01 4.46
C TYR A 287 6.96 2.79 3.80
N ASP A 288 6.28 2.15 2.87
CA ASP A 288 5.04 2.71 2.38
C ASP A 288 3.97 2.66 3.43
N LEU A 289 3.32 3.78 3.69
CA LEU A 289 2.29 3.87 4.71
C LEU A 289 1.05 3.06 4.36
N GLU A 290 0.78 2.92 3.08
CA GLU A 290 -0.43 2.33 2.61
C GLU A 290 -0.35 0.85 2.76
N THR A 291 0.77 0.28 2.26
CA THR A 291 0.92 -1.17 2.17
C THR A 291 1.88 -1.71 3.23
N GLY A 292 2.69 -0.86 3.79
CA GLY A 292 3.73 -1.35 4.63
C GLY A 292 4.97 -1.82 3.92
N THR A 293 4.99 -1.82 2.58
CA THR A 293 6.15 -2.29 1.89
C THR A 293 7.37 -1.49 2.26
N CYS A 294 8.45 -2.20 2.58
CA CYS A 294 9.76 -1.62 2.87
C CYS A 294 10.40 -1.16 1.60
N ILE A 295 10.61 0.14 1.51
CA ILE A 295 11.25 0.79 0.35
C ILE A 295 12.80 0.80 0.41
N TYR A 296 13.37 1.00 1.58
CA TYR A 296 14.79 1.23 1.69
C TYR A 296 15.19 1.05 3.10
N MET A 297 16.38 0.51 3.26
CA MET A 297 17.08 0.54 4.51
C MET A 297 18.54 0.82 4.29
N ASN A 298 19.18 1.39 5.29
CA ASN A 298 20.59 1.59 5.24
C ASN A 298 20.96 2.21 6.55
N ARG A 299 22.21 2.50 6.73
CA ARG A 299 22.67 3.04 7.99
C ARG A 299 23.04 4.45 7.71
N ILE A 300 22.59 5.38 8.51
CA ILE A 300 22.88 6.77 8.27
C ILE A 300 23.72 7.45 9.36
N SER A 301 23.87 6.79 10.51
CA SER A 301 24.60 7.37 11.60
C SER A 301 25.38 6.29 12.30
N GLY A 302 26.66 6.53 12.50
CA GLY A 302 27.45 5.68 13.37
C GLY A 302 27.18 5.94 14.85
N GLU A 303 26.66 7.11 15.24
CA GLU A 303 26.32 7.36 16.62
C GLU A 303 24.83 7.25 16.83
N THR A 304 24.43 7.05 18.07
CA THR A 304 23.06 6.80 18.39
C THR A 304 22.27 8.06 18.22
N ILE A 305 21.04 7.86 17.87
CA ILE A 305 20.16 8.96 17.64
C ILE A 305 19.17 8.93 18.77
N PHE A 306 18.95 10.08 19.37
CA PHE A 306 18.11 10.12 20.53
C PHE A 306 16.93 11.06 20.45
N VAL A 307 16.83 11.84 19.39
CA VAL A 307 15.69 12.75 19.27
C VAL A 307 15.45 13.03 17.78
N THR A 308 14.17 13.08 17.36
CA THR A 308 13.82 13.43 15.98
C THR A 308 12.61 14.35 15.97
N ALA A 309 12.37 14.98 14.84
CA ALA A 309 11.18 15.74 14.62
C ALA A 309 10.89 15.63 13.12
N PRO A 310 9.67 16.01 12.72
CA PRO A 310 9.35 16.12 11.33
C PRO A 310 10.20 17.26 10.77
N HIS A 311 10.71 17.05 9.58
CA HIS A 311 11.45 18.03 8.86
C HIS A 311 10.49 18.63 7.88
N GLU A 312 9.91 19.72 8.29
CA GLU A 312 8.75 20.29 7.62
C GLU A 312 9.00 20.54 6.17
N ALA A 313 10.13 21.12 5.85
CA ALA A 313 10.32 21.60 4.50
C ALA A 313 10.23 20.47 3.46
N THR A 314 10.76 19.30 3.80
CA THR A 314 10.88 18.19 2.87
C THR A 314 9.86 17.18 3.24
N ALA A 315 9.12 17.40 4.32
CA ALA A 315 8.28 16.33 4.89
C ALA A 315 9.12 15.07 5.14
N GLY A 316 10.32 15.25 5.67
CA GLY A 316 11.09 14.12 6.15
C GLY A 316 11.25 14.04 7.63
N ILE A 317 12.41 13.55 8.03
CA ILE A 317 12.73 13.39 9.43
C ILE A 317 14.08 14.01 9.69
N ILE A 318 14.14 14.78 10.76
CA ILE A 318 15.39 15.41 11.19
C ILE A 318 15.73 14.90 12.56
N GLY A 319 17.01 14.76 12.88
CA GLY A 319 17.38 14.28 14.20
C GLY A 319 18.81 14.62 14.59
N VAL A 320 19.12 14.27 15.83
CA VAL A 320 20.40 14.59 16.42
C VAL A 320 20.98 13.32 16.95
N ASN A 321 22.26 13.11 16.62
CA ASN A 321 22.99 12.01 17.26
C ASN A 321 23.90 12.48 18.35
N ARG A 322 24.49 11.54 19.08
CA ARG A 322 25.24 11.81 20.25
C ARG A 322 26.51 12.50 19.96
N LYS A 323 26.97 12.42 18.75
CA LYS A 323 28.09 13.21 18.30
C LYS A 323 27.70 14.68 18.13
N GLY A 324 26.41 14.96 18.03
CA GLY A 324 25.96 16.33 17.75
C GLY A 324 25.75 16.64 16.30
N GLN A 325 25.78 15.64 15.41
CA GLN A 325 25.30 15.88 14.04
C GLN A 325 23.79 16.04 14.02
N VAL A 326 23.34 17.05 13.28
CA VAL A 326 21.94 17.25 12.98
C VAL A 326 21.74 16.77 11.55
N LEU A 327 21.01 15.67 11.43
CA LEU A 327 20.85 14.95 10.17
C LEU A 327 19.39 14.89 9.79
N SER A 328 19.12 14.91 8.49
CA SER A 328 17.81 14.71 7.97
C SER A 328 17.84 13.70 6.82
N VAL A 329 16.69 13.03 6.68
CA VAL A 329 16.37 12.15 5.58
C VAL A 329 14.98 12.53 5.14
N CYS A 330 14.86 12.65 3.83
CA CYS A 330 13.57 12.80 3.18
C CYS A 330 13.58 11.98 1.88
N VAL A 331 12.41 11.90 1.30
CA VAL A 331 12.24 11.26 0.01
C VAL A 331 12.91 12.13 -1.07
N GLU A 332 13.73 11.48 -1.88
CA GLU A 332 14.27 12.11 -3.06
C GLU A 332 13.22 11.96 -4.17
N GLU A 333 12.48 13.02 -4.43
CA GLU A 333 11.33 12.94 -5.29
C GLU A 333 11.60 12.54 -6.75
N GLU A 334 12.81 12.69 -7.25
CA GLU A 334 13.07 12.41 -8.63
C GLU A 334 13.56 11.00 -8.74
N ASN A 335 13.99 10.40 -7.62
CA ASN A 335 14.59 9.06 -7.66
C ASN A 335 13.71 8.02 -7.08
N ILE A 336 12.78 8.39 -6.19
CA ILE A 336 12.07 7.32 -5.51
C ILE A 336 11.32 6.36 -6.44
N ILE A 337 10.66 6.85 -7.49
CA ILE A 337 9.88 5.94 -8.33
C ILE A 337 10.78 4.99 -9.17
N PRO A 338 11.79 5.50 -9.88
CA PRO A 338 12.69 4.57 -10.57
C PRO A 338 13.43 3.60 -9.66
N TYR A 339 13.77 4.03 -8.47
CA TYR A 339 14.32 3.15 -7.49
C TYR A 339 13.42 1.96 -7.25
N ILE A 340 12.19 2.25 -6.91
CA ILE A 340 11.22 1.19 -6.63
C ILE A 340 10.98 0.31 -7.87
N THR A 341 10.99 0.90 -9.07
CA THR A 341 10.78 0.15 -10.27
C THR A 341 11.98 -0.73 -10.56
N ASN A 342 13.16 -0.14 -10.51
CA ASN A 342 14.34 -0.81 -11.02
C ASN A 342 15.20 -1.56 -9.98
N VAL A 343 15.27 -1.07 -8.74
CA VAL A 343 16.08 -1.72 -7.75
C VAL A 343 15.20 -2.69 -6.96
N LEU A 344 14.06 -2.25 -6.45
CA LEU A 344 13.14 -3.15 -5.74
C LEU A 344 12.37 -4.01 -6.66
N GLN A 345 12.27 -3.60 -7.93
CA GLN A 345 11.52 -4.33 -8.92
C GLN A 345 10.08 -4.54 -8.53
N ASN A 346 9.46 -3.44 -8.15
CA ASN A 346 8.12 -3.45 -7.76
C ASN A 346 7.38 -2.36 -8.52
N PRO A 347 7.03 -2.64 -9.80
CA PRO A 347 6.28 -1.68 -10.62
C PRO A 347 4.93 -1.35 -10.03
N ASP A 348 4.31 -2.27 -9.31
CA ASP A 348 2.99 -2.02 -8.70
C ASP A 348 3.08 -0.92 -7.68
N LEU A 349 4.08 -1.01 -6.81
CA LEU A 349 4.23 0.02 -5.83
C LEU A 349 4.67 1.32 -6.50
N ALA A 350 5.55 1.21 -7.46
CA ALA A 350 6.11 2.41 -8.07
C ALA A 350 5.02 3.21 -8.69
N LEU A 351 4.12 2.50 -9.38
CA LEU A 351 3.05 3.14 -10.10
C LEU A 351 2.04 3.72 -9.16
N ARG A 352 1.74 2.99 -8.12
CA ARG A 352 0.84 3.47 -7.11
C ARG A 352 1.35 4.75 -6.47
N MET A 353 2.61 4.78 -6.13
CA MET A 353 3.14 5.96 -5.41
C MET A 353 3.22 7.13 -6.35
N ALA A 354 3.60 6.85 -7.59
CA ALA A 354 3.67 7.90 -8.60
C ALA A 354 2.34 8.60 -8.74
N VAL A 355 1.22 7.90 -8.86
CA VAL A 355 -0.04 8.60 -9.04
C VAL A 355 -0.62 9.09 -7.71
N ARG A 356 -0.41 8.33 -6.67
CA ARG A 356 -0.88 8.72 -5.37
C ARG A 356 -0.26 10.03 -4.86
N ASN A 357 1.03 10.21 -5.04
CA ASN A 357 1.71 11.39 -4.51
C ASN A 357 2.27 12.27 -5.63
N ASN A 358 1.82 12.09 -6.85
CA ASN A 358 2.22 12.94 -7.95
C ASN A 358 3.73 13.04 -8.11
N LEU A 359 4.39 11.89 -8.20
CA LEU A 359 5.83 11.80 -8.39
C LEU A 359 6.13 11.31 -9.80
N ALA A 360 7.25 11.80 -10.32
CA ALA A 360 7.64 11.50 -11.68
C ALA A 360 8.36 10.14 -11.68
N GLY A 361 8.39 9.46 -12.83
CA GLY A 361 9.25 8.29 -13.04
C GLY A 361 8.58 6.99 -13.44
N ALA A 362 7.26 6.93 -13.32
CA ALA A 362 6.53 5.71 -13.65
C ALA A 362 5.95 5.74 -15.06
N GLU A 363 6.52 6.62 -15.91
CA GLU A 363 6.17 6.75 -17.31
C GLU A 363 6.73 5.53 -17.98
N GLU A 364 7.73 4.94 -17.36
CA GLU A 364 8.30 3.70 -17.82
C GLU A 364 8.68 2.75 -16.69
N LEU A 365 8.08 1.57 -16.74
CA LEU A 365 8.13 0.57 -15.69
C LEU A 365 8.84 -0.74 -16.13
N ILE B 6 -33.40 -7.02 -3.32
CA ILE B 6 -32.83 -8.21 -4.02
C ILE B 6 -31.72 -7.74 -4.96
N LEU B 7 -30.71 -8.55 -5.17
CA LEU B 7 -29.59 -8.09 -5.89
C LEU B 7 -29.55 -8.91 -7.13
N PRO B 8 -29.12 -8.31 -8.23
CA PRO B 8 -29.02 -9.02 -9.46
C PRO B 8 -27.78 -9.93 -9.50
N ILE B 9 -26.94 -9.86 -8.47
CA ILE B 9 -25.74 -10.66 -8.42
C ILE B 9 -25.74 -11.49 -7.19
N ARG B 10 -24.94 -12.55 -7.22
CA ARG B 10 -24.58 -13.28 -6.01
C ARG B 10 -23.07 -13.09 -5.82
N PHE B 11 -22.69 -12.74 -4.62
CA PHE B 11 -21.36 -12.36 -4.28
C PHE B 11 -20.92 -13.36 -3.22
N GLN B 12 -19.82 -14.09 -3.45
CA GLN B 12 -19.33 -15.08 -2.48
C GLN B 12 -17.84 -14.96 -2.14
N GLU B 13 -17.50 -15.28 -0.90
CA GLU B 13 -16.13 -15.45 -0.51
C GLU B 13 -15.83 -16.96 -0.52
N HIS B 14 -14.84 -17.38 -1.27
CA HIS B 14 -14.55 -18.78 -1.33
C HIS B 14 -13.49 -19.18 -0.36
N LEU B 15 -12.58 -18.29 -0.06
CA LEU B 15 -11.41 -18.65 0.69
C LEU B 15 -10.77 -17.41 1.23
N GLN B 16 -10.06 -17.56 2.34
CA GLN B 16 -9.16 -16.52 2.81
C GLN B 16 -7.79 -17.19 2.84
N LEU B 17 -6.90 -16.76 1.98
CA LEU B 17 -5.63 -17.43 1.80
C LEU B 17 -4.74 -17.39 3.03
N GLN B 18 -4.89 -16.36 3.84
CA GLN B 18 -4.09 -16.25 5.05
C GLN B 18 -4.46 -17.34 6.05
N ASN B 19 -5.69 -17.86 5.99
CA ASN B 19 -6.04 -19.06 6.80
C ASN B 19 -5.33 -20.32 6.30
N LEU B 20 -4.66 -20.31 5.14
CA LEU B 20 -3.84 -21.45 4.72
C LEU B 20 -2.37 -21.20 4.96
N GLY B 21 -2.03 -20.28 5.87
CA GLY B 21 -0.65 -19.95 6.05
C GLY B 21 0.06 -19.22 4.92
N ILE B 22 -0.67 -18.56 4.04
CA ILE B 22 0.01 -17.75 3.03
C ILE B 22 0.39 -16.41 3.65
N ASN B 23 1.66 -16.10 3.48
CA ASN B 23 2.19 -14.82 3.86
C ASN B 23 1.59 -13.74 2.97
N PRO B 24 0.91 -12.77 3.57
CA PRO B 24 0.27 -11.73 2.82
C PRO B 24 1.25 -10.90 1.97
N ALA B 25 2.54 -10.89 2.28
CA ALA B 25 3.55 -10.29 1.37
C ALA B 25 3.61 -11.01 0.02
N ASN B 26 3.17 -12.26 -0.06
CA ASN B 26 3.23 -12.95 -1.33
C ASN B 26 1.93 -12.90 -2.05
N ILE B 27 0.99 -12.13 -1.56
CA ILE B 27 -0.29 -12.02 -2.17
C ILE B 27 -0.21 -10.74 -2.94
N GLY B 28 0.24 -10.88 -4.19
CA GLY B 28 0.19 -9.81 -5.15
C GLY B 28 0.43 -10.29 -6.55
N PHE B 29 0.48 -9.34 -7.47
CA PHE B 29 0.41 -9.63 -8.85
C PHE B 29 1.63 -10.47 -9.29
N SER B 30 2.80 -10.25 -8.68
CA SER B 30 3.97 -10.90 -9.24
C SER B 30 4.25 -12.25 -8.60
N THR B 31 3.54 -12.59 -7.54
CA THR B 31 3.81 -13.83 -6.83
C THR B 31 2.62 -14.77 -6.74
N LEU B 32 1.42 -14.31 -6.99
CA LEU B 32 0.19 -15.13 -6.92
C LEU B 32 -0.50 -15.13 -8.27
N THR B 33 -0.71 -16.31 -8.85
CA THR B 33 -1.39 -16.42 -10.14
C THR B 33 -2.64 -17.29 -10.00
N MET B 34 -3.60 -16.95 -10.82
CA MET B 34 -4.86 -17.66 -10.89
C MET B 34 -5.29 -17.59 -12.36
N GLU B 35 -4.91 -18.60 -13.13
CA GLU B 35 -5.13 -18.65 -14.52
C GLU B 35 -6.54 -19.18 -14.85
N SER B 36 -7.16 -19.87 -13.91
CA SER B 36 -8.54 -20.28 -14.00
C SER B 36 -9.05 -20.45 -12.57
N ASP B 37 -10.30 -20.85 -12.42
CA ASP B 37 -10.86 -21.00 -11.11
C ASP B 37 -10.46 -22.32 -10.43
N LYS B 38 -9.57 -23.12 -11.04
CA LYS B 38 -9.22 -24.40 -10.51
C LYS B 38 -8.07 -24.34 -9.54
N PHE B 39 -7.13 -23.44 -9.75
CA PHE B 39 -5.94 -23.42 -8.97
C PHE B 39 -5.49 -22.04 -8.64
N ILE B 40 -4.85 -21.87 -7.50
CA ILE B 40 -4.13 -20.66 -7.22
C ILE B 40 -2.73 -21.06 -6.92
N CYS B 41 -1.81 -20.30 -7.46
N CYS B 41 -1.78 -20.40 -7.59
CA CYS B 41 -0.42 -20.59 -7.33
CA CYS B 41 -0.36 -20.63 -7.32
C CYS B 41 0.36 -19.42 -6.74
C CYS B 41 0.32 -19.41 -6.71
N ILE B 42 1.07 -19.66 -5.64
CA ILE B 42 1.81 -18.62 -4.95
C ILE B 42 3.30 -19.00 -4.78
N ARG B 43 4.20 -18.12 -5.21
CA ARG B 43 5.62 -18.26 -4.97
C ARG B 43 5.91 -17.57 -3.66
N GLU B 44 6.62 -18.26 -2.78
CA GLU B 44 7.04 -17.73 -1.47
C GLU B 44 8.50 -18.13 -1.31
N LYS B 45 9.26 -17.38 -0.51
CA LYS B 45 10.59 -17.82 -0.02
C LYS B 45 10.42 -18.22 1.40
N VAL B 46 10.61 -19.50 1.69
CA VAL B 46 10.62 -19.99 3.07
C VAL B 46 12.06 -20.18 3.50
N GLY B 47 12.46 -19.40 4.49
CA GLY B 47 13.85 -19.26 4.82
C GLY B 47 14.61 -18.77 3.61
N GLU B 48 15.59 -19.58 3.21
CA GLU B 48 16.44 -19.26 2.07
C GLU B 48 15.87 -19.86 0.77
N GLN B 49 14.92 -20.78 0.90
CA GLN B 49 14.42 -21.54 -0.25
C GLN B 49 13.13 -21.00 -0.95
N ALA B 50 13.20 -20.86 -2.26
CA ALA B 50 12.03 -20.48 -2.99
C ALA B 50 11.09 -21.68 -3.10
N GLN B 51 9.80 -21.45 -2.89
CA GLN B 51 8.85 -22.50 -3.20
C GLN B 51 7.55 -22.02 -3.83
N VAL B 52 6.79 -22.97 -4.36
CA VAL B 52 5.50 -22.64 -4.93
C VAL B 52 4.44 -23.36 -4.14
N VAL B 53 3.40 -22.64 -3.74
CA VAL B 53 2.31 -23.26 -3.09
C VAL B 53 1.15 -23.30 -4.09
N ILE B 54 0.57 -24.46 -4.28
CA ILE B 54 -0.49 -24.69 -5.23
C ILE B 54 -1.68 -25.08 -4.44
N ILE B 55 -2.72 -24.25 -4.55
CA ILE B 55 -3.98 -24.49 -3.91
C ILE B 55 -4.95 -25.02 -4.96
N ASP B 56 -5.36 -26.26 -4.79
CA ASP B 56 -6.43 -26.85 -5.56
C ASP B 56 -7.72 -26.30 -4.99
N MET B 57 -8.46 -25.53 -5.80
CA MET B 57 -9.70 -24.91 -5.34
C MET B 57 -10.79 -25.88 -5.00
N ASN B 58 -10.65 -27.12 -5.47
CA ASN B 58 -11.60 -28.13 -5.12
C ASN B 58 -11.15 -28.90 -3.90
N ASP B 59 -9.97 -28.59 -3.35
CA ASP B 59 -9.49 -29.17 -2.08
C ASP B 59 -8.48 -28.23 -1.40
N PRO B 60 -8.96 -27.06 -0.98
CA PRO B 60 -8.10 -25.95 -0.57
C PRO B 60 -7.36 -26.11 0.76
N SER B 61 -7.83 -26.98 1.66
CA SER B 61 -7.12 -27.22 2.88
C SER B 61 -5.90 -28.04 2.69
N ASN B 62 -5.69 -28.58 1.49
CA ASN B 62 -4.52 -29.41 1.29
C ASN B 62 -3.62 -28.89 0.17
N PRO B 63 -2.97 -27.73 0.39
CA PRO B 63 -2.09 -27.21 -0.63
C PRO B 63 -0.86 -28.06 -0.81
N ILE B 64 -0.35 -28.10 -2.03
CA ILE B 64 0.89 -28.72 -2.39
C ILE B 64 1.97 -27.63 -2.29
N ARG B 65 3.06 -27.89 -1.58
CA ARG B 65 4.24 -27.02 -1.59
C ARG B 65 5.43 -27.73 -2.26
N ARG B 66 6.13 -27.05 -3.18
CA ARG B 66 7.26 -27.62 -3.86
C ARG B 66 8.36 -26.59 -3.98
N PRO B 67 9.62 -27.00 -3.75
CA PRO B 67 10.73 -26.09 -4.07
C PRO B 67 10.80 -25.74 -5.56
N ILE B 68 11.14 -24.48 -5.86
CA ILE B 68 11.35 -24.02 -7.22
C ILE B 68 12.53 -23.05 -7.31
N SER B 69 13.01 -22.83 -8.52
CA SER B 69 13.99 -21.77 -8.77
C SER B 69 13.46 -21.01 -9.92
N ALA B 70 12.26 -20.46 -9.75
CA ALA B 70 11.52 -19.88 -10.87
C ALA B 70 11.13 -18.50 -10.47
N ASP B 71 11.10 -17.56 -11.42
CA ASP B 71 10.64 -16.24 -11.12
C ASP B 71 9.16 -16.11 -11.42
N SER B 72 8.53 -17.16 -11.93
CA SER B 72 7.13 -17.10 -12.28
C SER B 72 6.59 -18.48 -12.46
N ALA B 73 5.38 -18.64 -11.96
CA ALA B 73 4.69 -19.94 -12.00
C ALA B 73 3.23 -19.77 -12.41
N ILE B 74 2.85 -20.45 -13.49
CA ILE B 74 1.48 -20.40 -13.90
C ILE B 74 0.88 -21.77 -14.19
N MET B 75 -0.26 -22.03 -13.56
CA MET B 75 -0.88 -23.33 -13.70
C MET B 75 -1.75 -23.34 -14.97
N ASN B 76 -1.77 -24.47 -15.64
CA ASN B 76 -2.71 -24.71 -16.72
C ASN B 76 -4.12 -24.47 -16.20
N PRO B 77 -5.01 -23.95 -17.04
CA PRO B 77 -6.38 -23.73 -16.58
C PRO B 77 -7.12 -24.97 -16.14
N ALA B 78 -6.77 -26.14 -16.64
CA ALA B 78 -7.58 -27.33 -16.29
C ALA B 78 -6.89 -28.47 -15.65
N SER B 79 -5.59 -28.58 -15.79
CA SER B 79 -4.86 -29.75 -15.39
C SER B 79 -3.72 -29.32 -14.48
N LYS B 80 -3.25 -30.23 -13.64
CA LYS B 80 -2.05 -29.99 -12.82
C LYS B 80 -0.76 -30.01 -13.60
N VAL B 81 -0.62 -29.06 -14.47
CA VAL B 81 0.50 -28.96 -15.38
C VAL B 81 0.91 -27.54 -15.14
N ILE B 82 2.16 -27.30 -14.79
CA ILE B 82 2.55 -25.99 -14.37
C ILE B 82 3.61 -25.50 -15.28
N ALA B 83 3.54 -24.23 -15.64
CA ALA B 83 4.61 -23.60 -16.36
C ALA B 83 5.43 -22.74 -15.40
N LEU B 84 6.73 -22.96 -15.49
CA LEU B 84 7.69 -22.22 -14.72
C LEU B 84 8.80 -21.61 -15.56
N LYS B 85 9.19 -20.40 -15.19
CA LYS B 85 10.32 -19.78 -15.84
C LYS B 85 11.32 -19.18 -14.90
N ALA B 86 12.57 -19.19 -15.32
CA ALA B 86 13.69 -18.50 -14.64
C ALA B 86 14.41 -17.76 -15.75
N GLY B 87 14.03 -16.50 -15.99
CA GLY B 87 14.60 -15.68 -17.04
C GLY B 87 14.17 -16.02 -18.43
N LYS B 88 15.10 -16.67 -19.12
CA LYS B 88 14.84 -17.09 -20.49
C LYS B 88 14.45 -18.56 -20.58
N THR B 89 14.67 -19.31 -19.48
CA THR B 89 14.39 -20.71 -19.41
C THR B 89 12.91 -20.97 -19.05
N LEU B 90 12.21 -21.67 -19.92
CA LEU B 90 10.79 -22.03 -19.67
C LEU B 90 10.63 -23.52 -19.58
N GLN B 91 9.94 -24.00 -18.58
CA GLN B 91 9.74 -25.44 -18.37
C GLN B 91 8.34 -25.73 -18.00
N ILE B 92 7.78 -26.74 -18.64
CA ILE B 92 6.40 -27.14 -18.43
C ILE B 92 6.44 -28.52 -17.80
N PHE B 93 5.79 -28.66 -16.65
CA PHE B 93 5.83 -29.88 -15.85
C PHE B 93 4.46 -30.44 -15.64
N ASN B 94 4.29 -31.73 -15.86
CA ASN B 94 3.08 -32.41 -15.42
C ASN B 94 3.36 -32.90 -13.98
N ILE B 95 2.67 -32.32 -13.04
CA ILE B 95 2.99 -32.50 -11.64
C ILE B 95 2.69 -33.94 -11.21
N GLU B 96 1.51 -34.44 -11.57
CA GLU B 96 1.14 -35.78 -11.18
C GLU B 96 2.06 -36.81 -11.85
N MET B 97 2.57 -36.52 -13.03
CA MET B 97 3.42 -37.49 -13.68
C MET B 97 4.88 -37.28 -13.27
N LYS B 98 5.14 -36.21 -12.52
CA LYS B 98 6.54 -35.83 -12.13
C LYS B 98 7.44 -35.72 -13.29
N SER B 99 6.98 -35.12 -14.38
CA SER B 99 7.70 -35.07 -15.63
C SER B 99 7.73 -33.68 -16.22
N LYS B 100 8.89 -33.37 -16.81
CA LYS B 100 9.07 -32.22 -17.64
C LYS B 100 8.53 -32.55 -19.00
N MET B 101 7.41 -31.97 -19.33
CA MET B 101 6.82 -32.15 -20.64
C MET B 101 7.56 -31.41 -21.74
N LYS B 102 7.96 -30.18 -21.44
CA LYS B 102 8.55 -29.29 -22.45
C LYS B 102 9.50 -28.33 -21.80
N ALA B 103 10.46 -27.91 -22.60
CA ALA B 103 11.41 -26.87 -22.16
C ALA B 103 11.77 -26.06 -23.37
N HIS B 104 12.08 -24.81 -23.15
CA HIS B 104 12.51 -23.96 -24.24
C HIS B 104 13.26 -22.81 -23.65
N THR B 105 14.33 -22.41 -24.30
CA THR B 105 15.08 -21.24 -23.88
C THR B 105 14.86 -20.13 -24.86
N MET B 106 14.22 -19.06 -24.41
CA MET B 106 13.98 -17.90 -25.29
C MET B 106 15.29 -17.14 -25.51
N THR B 107 15.38 -16.27 -26.50
CA THR B 107 16.52 -15.36 -26.52
C THR B 107 16.25 -14.09 -25.75
N ASP B 108 15.01 -13.81 -25.44
CA ASP B 108 14.72 -12.58 -24.71
C ASP B 108 13.99 -12.99 -23.45
N ASP B 109 14.12 -12.20 -22.39
CA ASP B 109 13.33 -12.46 -21.22
C ASP B 109 11.84 -12.32 -21.50
N VAL B 110 11.07 -13.19 -20.88
CA VAL B 110 9.67 -13.14 -20.86
C VAL B 110 9.17 -12.30 -19.70
N THR B 111 8.55 -11.14 -19.95
CA THR B 111 8.16 -10.28 -18.85
C THR B 111 6.77 -10.60 -18.38
N PHE B 112 5.96 -11.30 -19.18
CA PHE B 112 4.60 -11.61 -18.80
C PHE B 112 4.22 -12.83 -19.61
N TRP B 113 3.59 -13.77 -18.94
CA TRP B 113 3.03 -14.89 -19.64
C TRP B 113 1.74 -15.31 -19.00
N LYS B 114 0.98 -16.03 -19.79
CA LYS B 114 -0.34 -16.49 -19.42
C LYS B 114 -0.84 -17.62 -20.32
N TRP B 115 -1.55 -18.57 -19.73
CA TRP B 115 -2.35 -19.51 -20.47
C TRP B 115 -3.51 -18.82 -21.14
N ILE B 116 -3.58 -18.90 -22.46
CA ILE B 116 -4.68 -18.34 -23.19
C ILE B 116 -5.70 -19.38 -23.60
N SER B 117 -5.42 -20.67 -23.46
CA SER B 117 -6.35 -21.76 -23.69
C SER B 117 -5.92 -22.92 -22.83
N LEU B 118 -6.62 -24.03 -22.96
CA LEU B 118 -6.22 -25.28 -22.32
C LEU B 118 -4.84 -25.79 -22.69
N ASN B 119 -4.35 -25.35 -23.83
CA ASN B 119 -3.11 -25.87 -24.22
C ASN B 119 -2.13 -24.93 -24.86
N THR B 120 -2.30 -23.65 -24.70
CA THR B 120 -1.40 -22.67 -25.29
C THR B 120 -1.06 -21.68 -24.24
N VAL B 121 0.22 -21.47 -24.15
CA VAL B 121 0.77 -20.42 -23.32
C VAL B 121 1.18 -19.24 -24.20
N ALA B 122 0.86 -18.03 -23.81
CA ALA B 122 1.33 -16.84 -24.46
C ALA B 122 2.51 -16.29 -23.70
N LEU B 123 3.46 -15.77 -24.45
CA LEU B 123 4.71 -15.25 -23.88
C LEU B 123 4.96 -13.90 -24.43
N VAL B 124 5.14 -12.93 -23.56
CA VAL B 124 5.40 -11.58 -23.94
C VAL B 124 6.81 -11.25 -23.53
N THR B 125 7.62 -10.75 -24.48
CA THR B 125 8.92 -10.17 -24.17
C THR B 125 8.84 -8.67 -24.26
N ASP B 126 9.95 -7.96 -24.10
CA ASP B 126 9.99 -6.56 -24.36
C ASP B 126 9.58 -6.22 -25.79
N ASN B 127 9.78 -7.15 -26.73
CA ASN B 127 9.64 -6.85 -28.15
C ASN B 127 8.50 -7.50 -28.90
N ALA B 128 7.96 -8.58 -28.37
CA ALA B 128 7.07 -9.40 -29.16
C ALA B 128 6.24 -10.32 -28.30
N VAL B 129 5.29 -10.93 -28.96
CA VAL B 129 4.36 -11.83 -28.34
C VAL B 129 4.38 -13.14 -29.10
N TYR B 130 4.47 -14.23 -28.32
CA TYR B 130 4.60 -15.55 -28.83
C TYR B 130 3.49 -16.40 -28.27
N HIS B 131 3.09 -17.39 -29.07
CA HIS B 131 2.19 -18.46 -28.58
C HIS B 131 2.96 -19.77 -28.61
N TRP B 132 2.87 -20.51 -27.51
CA TRP B 132 3.49 -21.80 -27.39
C TRP B 132 2.47 -22.87 -27.07
N SER B 133 2.16 -23.68 -28.07
CA SER B 133 1.19 -24.79 -27.93
C SER B 133 1.86 -25.97 -27.21
N MET B 134 1.12 -26.66 -26.35
CA MET B 134 1.63 -27.84 -25.69
C MET B 134 1.47 -29.11 -26.55
N GLU B 135 0.73 -29.07 -27.65
CA GLU B 135 0.59 -30.23 -28.55
C GLU B 135 1.84 -30.61 -29.29
N GLY B 136 2.13 -31.92 -29.36
CA GLY B 136 3.25 -32.40 -30.14
C GLY B 136 4.56 -31.73 -29.74
N GLU B 137 5.33 -31.32 -30.73
CA GLU B 137 6.68 -30.79 -30.50
C GLU B 137 6.80 -29.29 -30.82
N SER B 138 5.72 -28.56 -30.71
CA SER B 138 5.70 -27.15 -31.06
C SER B 138 6.65 -26.33 -30.21
N GLN B 139 7.33 -25.40 -30.86
CA GLN B 139 8.02 -24.36 -30.15
C GLN B 139 7.22 -23.05 -30.21
N PRO B 140 7.66 -22.06 -29.42
CA PRO B 140 6.94 -20.80 -29.44
C PRO B 140 6.99 -20.19 -30.81
N VAL B 141 5.88 -19.63 -31.20
CA VAL B 141 5.71 -18.97 -32.50
C VAL B 141 5.46 -17.49 -32.23
N LYS B 142 6.27 -16.64 -32.86
CA LYS B 142 6.03 -15.25 -32.78
C LYS B 142 4.75 -14.85 -33.53
N MET B 143 3.81 -14.21 -32.82
CA MET B 143 2.54 -13.84 -33.34
C MET B 143 2.61 -12.44 -33.92
N PHE B 144 3.11 -11.50 -33.15
CA PHE B 144 3.29 -10.15 -33.64
C PHE B 144 4.39 -9.49 -32.85
N ASP B 145 4.87 -8.40 -33.42
CA ASP B 145 5.79 -7.53 -32.72
C ASP B 145 5.05 -6.46 -31.92
N ARG B 146 5.58 -6.10 -30.75
CA ARG B 146 4.91 -5.09 -29.90
C ARG B 146 4.94 -3.75 -30.52
N HIS B 147 3.84 -3.01 -30.36
CA HIS B 147 3.74 -1.67 -30.80
C HIS B 147 4.52 -0.73 -29.82
N SER B 148 5.10 0.34 -30.33
CA SER B 148 5.88 1.25 -29.54
C SER B 148 5.02 1.96 -28.50
N SER B 149 3.70 2.02 -28.69
CA SER B 149 2.84 2.69 -27.69
C SER B 149 2.81 1.94 -26.37
N LEU B 150 3.27 0.70 -26.37
CA LEU B 150 3.37 -0.07 -25.09
C LEU B 150 4.75 -0.07 -24.50
N ALA B 151 5.68 0.68 -25.09
CA ALA B 151 7.06 0.62 -24.64
C ALA B 151 7.13 1.19 -23.20
N GLY B 152 7.79 0.52 -22.28
CA GLY B 152 7.80 1.06 -20.96
C GLY B 152 6.61 0.77 -20.09
N CYS B 153 5.60 0.08 -20.62
CA CYS B 153 4.44 -0.29 -19.81
C CYS B 153 4.70 -1.49 -19.00
N GLN B 154 4.03 -1.54 -17.87
CA GLN B 154 3.91 -2.81 -17.17
C GLN B 154 2.83 -3.60 -17.85
N ILE B 155 3.19 -4.75 -18.37
CA ILE B 155 2.25 -5.60 -19.01
C ILE B 155 1.36 -6.32 -17.96
N ILE B 156 0.03 -6.21 -18.12
CA ILE B 156 -0.87 -6.71 -17.07
C ILE B 156 -1.86 -7.73 -17.62
N ASN B 157 -1.98 -7.79 -18.92
CA ASN B 157 -2.85 -8.79 -19.46
C ASN B 157 -2.57 -9.09 -20.89
N TYR B 158 -2.95 -10.30 -21.26
CA TYR B 158 -2.94 -10.72 -22.66
C TYR B 158 -4.13 -11.65 -22.84
N ARG B 159 -4.94 -11.43 -23.86
CA ARG B 159 -6.18 -12.20 -24.07
C ARG B 159 -6.37 -12.38 -25.60
N THR B 160 -7.19 -13.35 -25.98
CA THR B 160 -7.51 -13.53 -27.32
C THR B 160 -8.98 -13.83 -27.44
N ASP B 161 -9.48 -13.76 -28.66
CA ASP B 161 -10.78 -14.28 -28.89
C ASP B 161 -10.72 -15.80 -28.96
N ALA B 162 -11.90 -16.41 -29.14
CA ALA B 162 -12.05 -17.85 -29.10
C ALA B 162 -11.27 -18.52 -30.24
N LYS B 163 -11.20 -17.91 -31.42
CA LYS B 163 -10.49 -18.51 -32.53
C LYS B 163 -9.05 -18.13 -32.58
N GLN B 164 -8.56 -17.32 -31.62
CA GLN B 164 -7.20 -16.85 -31.70
C GLN B 164 -6.87 -16.11 -32.99
N LYS B 165 -7.80 -15.31 -33.46
CA LYS B 165 -7.61 -14.44 -34.62
C LYS B 165 -7.43 -12.95 -34.23
N TRP B 166 -7.78 -12.64 -32.98
CA TRP B 166 -7.73 -11.30 -32.40
C TRP B 166 -7.01 -11.42 -31.09
N LEU B 167 -5.89 -10.68 -30.99
CA LEU B 167 -5.00 -10.83 -29.87
C LEU B 167 -4.91 -9.47 -29.21
N LEU B 168 -4.88 -9.46 -27.92
CA LEU B 168 -4.88 -8.17 -27.21
C LEU B 168 -3.89 -8.13 -26.11
N LEU B 169 -2.91 -7.25 -26.26
CA LEU B 169 -1.90 -7.06 -25.22
C LEU B 169 -2.20 -5.75 -24.44
N THR B 170 -2.12 -5.76 -23.13
CA THR B 170 -2.45 -4.58 -22.35
C THR B 170 -1.36 -4.23 -21.35
N GLY B 171 -0.97 -2.97 -21.37
CA GLY B 171 -0.02 -2.44 -20.44
C GLY B 171 -0.56 -1.22 -19.74
N ILE B 172 0.10 -0.87 -18.67
CA ILE B 172 -0.17 0.39 -17.99
C ILE B 172 1.10 1.08 -17.57
N SER B 173 1.01 2.40 -17.50
CA SER B 173 2.11 3.21 -17.04
C SER B 173 1.48 4.46 -16.46
N ALA B 174 2.29 5.32 -15.88
CA ALA B 174 1.82 6.62 -15.41
C ALA B 174 2.06 7.70 -16.46
N GLN B 175 1.05 8.49 -16.80
CA GLN B 175 1.18 9.68 -17.67
C GLN B 175 0.31 10.73 -17.01
N GLN B 176 0.90 11.89 -16.76
CA GLN B 176 0.23 12.98 -16.07
C GLN B 176 -0.44 12.58 -14.78
N ASN B 177 0.30 11.86 -13.96
CA ASN B 177 -0.23 11.34 -12.73
C ASN B 177 -1.58 10.62 -12.79
N ARG B 178 -1.80 9.88 -13.86
CA ARG B 178 -2.79 8.87 -13.80
C ARG B 178 -2.26 7.62 -14.47
N VAL B 179 -2.91 6.52 -14.15
CA VAL B 179 -2.64 5.25 -14.72
C VAL B 179 -3.33 5.16 -16.08
N VAL B 180 -2.53 5.11 -17.14
CA VAL B 180 -3.03 5.11 -18.46
C VAL B 180 -2.78 3.73 -19.04
N GLY B 181 -3.81 3.20 -19.65
CA GLY B 181 -3.75 1.89 -20.27
C GLY B 181 -3.46 1.99 -21.71
N ALA B 182 -2.58 1.12 -22.18
CA ALA B 182 -2.22 1.05 -23.56
C ALA B 182 -2.41 -0.38 -24.00
N MET B 183 -3.18 -0.51 -25.06
CA MET B 183 -3.56 -1.77 -25.59
C MET B 183 -3.10 -1.86 -27.00
N GLN B 184 -2.75 -3.06 -27.38
CA GLN B 184 -2.34 -3.39 -28.75
C GLN B 184 -3.27 -4.53 -29.15
N LEU B 185 -4.16 -4.26 -30.07
CA LEU B 185 -5.06 -5.21 -30.64
C LEU B 185 -4.49 -5.68 -31.96
N TYR B 186 -4.21 -6.96 -32.11
CA TYR B 186 -3.63 -7.46 -33.35
C TYR B 186 -4.59 -8.37 -34.05
N SER B 187 -4.74 -8.19 -35.35
CA SER B 187 -5.47 -9.12 -36.21
C SER B 187 -4.56 -10.09 -36.85
N VAL B 188 -4.76 -11.35 -36.51
CA VAL B 188 -3.99 -12.39 -37.13
C VAL B 188 -4.27 -12.49 -38.61
N ASP B 189 -5.48 -12.26 -39.04
CA ASP B 189 -5.71 -12.34 -40.48
C ASP B 189 -5.21 -11.16 -41.26
N ARG B 190 -5.24 -9.97 -40.71
CA ARG B 190 -4.81 -8.81 -41.49
C ARG B 190 -3.38 -8.46 -41.25
N LYS B 191 -2.80 -9.01 -40.18
CA LYS B 191 -1.44 -8.69 -39.75
C LYS B 191 -1.25 -7.23 -39.53
N VAL B 192 -2.17 -6.62 -38.79
CA VAL B 192 -2.19 -5.23 -38.55
C VAL B 192 -2.37 -5.08 -37.02
N SER B 193 -1.68 -4.15 -36.41
CA SER B 193 -1.99 -3.81 -35.02
C SER B 193 -2.74 -2.53 -34.96
N GLN B 194 -3.60 -2.40 -33.99
CA GLN B 194 -4.18 -1.14 -33.65
C GLN B 194 -3.93 -0.77 -32.15
N PRO B 195 -3.28 0.37 -31.90
CA PRO B 195 -3.16 0.95 -30.54
C PRO B 195 -4.46 1.52 -30.07
N ILE B 196 -4.84 1.21 -28.84
CA ILE B 196 -6.07 1.64 -28.28
C ILE B 196 -5.80 2.00 -26.81
N GLU B 197 -6.30 3.14 -26.35
CA GLU B 197 -6.19 3.46 -24.96
C GLU B 197 -7.23 2.65 -24.22
N GLY B 198 -6.83 1.78 -23.35
CA GLY B 198 -7.82 0.95 -22.61
C GLY B 198 -7.14 0.34 -21.41
N HIS B 199 -7.95 0.04 -20.40
CA HIS B 199 -7.44 -0.61 -19.18
C HIS B 199 -7.72 -2.06 -18.97
N ALA B 200 -8.89 -2.50 -19.43
CA ALA B 200 -9.31 -3.88 -19.31
C ALA B 200 -10.24 -4.27 -20.42
N ALA B 201 -10.20 -5.52 -20.84
CA ALA B 201 -10.91 -5.89 -21.99
C ALA B 201 -11.14 -7.37 -22.00
N SER B 202 -12.06 -7.78 -22.87
CA SER B 202 -12.34 -9.18 -23.12
C SER B 202 -13.04 -9.30 -24.46
N PHE B 203 -12.87 -10.46 -25.07
CA PHE B 203 -13.58 -10.81 -26.28
C PHE B 203 -14.79 -11.70 -25.88
N ALA B 204 -15.75 -11.82 -26.78
CA ALA B 204 -16.88 -12.71 -26.55
C ALA B 204 -17.52 -13.04 -27.87
N GLN B 205 -18.14 -14.21 -27.90
CA GLN B 205 -18.92 -14.64 -29.05
C GLN B 205 -20.37 -14.26 -28.68
N PHE B 206 -21.04 -13.63 -29.63
CA PHE B 206 -22.39 -13.22 -29.46
C PHE B 206 -23.13 -13.37 -30.77
N LYS B 207 -24.23 -14.12 -30.70
CA LYS B 207 -25.06 -14.29 -31.89
C LYS B 207 -26.25 -13.34 -31.87
N MET B 208 -26.25 -12.37 -32.77
CA MET B 208 -27.33 -11.42 -32.91
C MET B 208 -28.55 -12.14 -33.52
N GLU B 209 -29.73 -11.71 -33.07
CA GLU B 209 -30.97 -12.17 -33.66
C GLU B 209 -30.92 -11.83 -35.12
N GLY B 210 -31.34 -12.71 -35.99
CA GLY B 210 -31.30 -12.40 -37.43
C GLY B 210 -30.01 -12.79 -38.10
N ASN B 211 -28.99 -13.15 -37.35
CA ASN B 211 -27.76 -13.62 -37.95
C ASN B 211 -27.64 -15.12 -37.82
N ALA B 212 -27.07 -15.72 -38.82
CA ALA B 212 -26.79 -17.13 -38.81
C ALA B 212 -25.52 -17.44 -38.05
N GLU B 213 -24.53 -16.52 -38.04
CA GLU B 213 -23.28 -16.83 -37.35
C GLU B 213 -23.07 -15.92 -36.14
N GLU B 214 -22.34 -16.45 -35.15
CA GLU B 214 -21.81 -15.66 -34.05
C GLU B 214 -20.93 -14.53 -34.59
N SER B 215 -20.99 -13.37 -33.93
CA SER B 215 -20.11 -12.26 -34.11
C SER B 215 -19.02 -12.41 -33.05
N THR B 216 -17.82 -11.92 -33.35
CA THR B 216 -16.80 -11.78 -32.35
C THR B 216 -16.78 -10.36 -31.86
N LEU B 217 -17.12 -10.18 -30.61
CA LEU B 217 -17.10 -8.85 -30.05
C LEU B 217 -15.85 -8.59 -29.20
N PHE B 218 -15.41 -7.35 -29.19
CA PHE B 218 -14.30 -6.91 -28.41
C PHE B 218 -14.93 -5.89 -27.49
N CYS B 219 -14.81 -6.12 -26.19
CA CYS B 219 -15.30 -5.18 -25.21
C CYS B 219 -14.14 -4.62 -24.40
N PHE B 220 -13.98 -3.30 -24.31
CA PHE B 220 -12.96 -2.75 -23.45
C PHE B 220 -13.45 -1.54 -22.70
N ALA B 221 -12.91 -1.43 -21.51
CA ALA B 221 -13.21 -0.33 -20.61
C ALA B 221 -11.95 0.45 -20.41
N VAL B 222 -12.13 1.74 -20.24
CA VAL B 222 -11.05 2.66 -20.10
C VAL B 222 -11.49 3.83 -19.23
N ARG B 223 -10.58 4.29 -18.39
CA ARG B 223 -10.71 5.60 -17.82
C ARG B 223 -9.73 6.55 -18.50
N GLY B 224 -10.27 7.40 -19.35
CA GLY B 224 -9.46 8.30 -20.16
C GLY B 224 -9.55 9.71 -19.66
N GLN B 225 -9.19 10.65 -20.55
CA GLN B 225 -9.41 12.07 -20.28
C GLN B 225 -10.93 12.34 -20.22
N ALA B 226 -11.68 11.74 -21.16
CA ALA B 226 -13.16 11.76 -21.16
C ALA B 226 -13.86 11.00 -19.98
N GLY B 227 -13.12 10.57 -18.96
CA GLY B 227 -13.72 9.76 -17.92
C GLY B 227 -13.86 8.32 -18.34
N GLY B 228 -14.71 7.60 -17.66
CA GLY B 228 -14.83 6.17 -17.86
C GLY B 228 -15.71 5.85 -19.06
N LYS B 229 -15.28 4.88 -19.85
CA LYS B 229 -15.99 4.47 -20.98
C LYS B 229 -15.87 2.97 -21.19
N LEU B 230 -16.95 2.35 -21.70
CA LEU B 230 -16.97 0.97 -22.00
C LEU B 230 -17.43 0.89 -23.47
N HIS B 231 -16.70 0.15 -24.28
CA HIS B 231 -17.01 0.02 -25.69
C HIS B 231 -17.22 -1.41 -25.98
N ILE B 232 -18.13 -1.68 -26.87
CA ILE B 232 -18.39 -3.03 -27.33
C ILE B 232 -18.47 -2.92 -28.85
N ILE B 233 -17.57 -3.59 -29.56
CA ILE B 233 -17.55 -3.54 -31.02
C ILE B 233 -17.29 -4.91 -31.57
N GLU B 234 -17.72 -5.12 -32.79
CA GLU B 234 -17.46 -6.32 -33.49
C GLU B 234 -16.07 -6.17 -34.08
N VAL B 235 -15.25 -7.17 -33.97
CA VAL B 235 -13.97 -7.04 -34.62
C VAL B 235 -14.03 -7.88 -35.88
N GLY B 236 -13.56 -7.33 -36.97
CA GLY B 236 -13.41 -8.09 -38.14
C GLY B 236 -14.66 -7.86 -38.99
N THR B 237 -14.61 -8.53 -40.11
CA THR B 237 -15.62 -8.43 -41.08
C THR B 237 -16.69 -9.39 -40.68
N PRO B 238 -17.94 -8.95 -40.69
CA PRO B 238 -18.92 -9.92 -40.23
C PRO B 238 -18.90 -11.14 -41.09
N PRO B 239 -19.17 -12.31 -40.50
CA PRO B 239 -19.35 -13.50 -41.33
C PRO B 239 -20.34 -13.23 -42.43
N THR B 240 -20.16 -13.91 -43.55
CA THR B 240 -21.03 -13.75 -44.68
C THR B 240 -22.44 -14.04 -44.28
N GLY B 241 -23.38 -13.22 -44.74
CA GLY B 241 -24.78 -13.36 -44.32
C GLY B 241 -25.11 -12.63 -43.01
N ASN B 242 -24.14 -12.17 -42.22
CA ASN B 242 -24.45 -11.45 -40.97
C ASN B 242 -24.66 -9.96 -41.12
N GLN B 243 -25.59 -9.40 -40.36
CA GLN B 243 -25.53 -7.97 -40.11
C GLN B 243 -24.39 -7.69 -39.16
N PRO B 244 -23.76 -6.50 -39.31
CA PRO B 244 -22.78 -6.06 -38.31
C PRO B 244 -23.37 -5.75 -36.97
N PHE B 245 -22.65 -5.99 -35.93
CA PHE B 245 -23.07 -5.61 -34.60
C PHE B 245 -22.90 -4.13 -34.45
N PRO B 246 -23.95 -3.44 -34.09
CA PRO B 246 -23.82 -2.02 -33.87
C PRO B 246 -22.96 -1.66 -32.66
N LYS B 247 -21.95 -0.82 -32.89
CA LYS B 247 -21.04 -0.38 -31.84
C LYS B 247 -21.75 0.19 -30.62
N LYS B 248 -21.35 -0.18 -29.43
CA LYS B 248 -21.89 0.49 -28.23
C LYS B 248 -20.77 1.17 -27.51
N ALA B 249 -21.11 2.28 -26.89
CA ALA B 249 -20.25 3.10 -26.07
C ALA B 249 -21.07 3.58 -24.89
N VAL B 250 -20.66 3.28 -23.64
CA VAL B 250 -21.41 3.80 -22.52
C VAL B 250 -20.40 4.31 -21.47
N ASP B 251 -20.89 5.07 -20.53
CA ASP B 251 -20.05 5.63 -19.50
C ASP B 251 -19.77 4.55 -18.49
N VAL B 252 -18.59 4.63 -17.92
CA VAL B 252 -18.24 3.81 -16.80
C VAL B 252 -18.17 4.79 -15.64
N PHE B 253 -19.02 4.62 -14.64
CA PHE B 253 -19.02 5.57 -13.54
C PHE B 253 -17.91 5.32 -12.49
N PHE B 254 -17.20 6.39 -12.13
CA PHE B 254 -16.30 6.40 -10.97
C PHE B 254 -16.76 7.50 -10.01
N PRO B 255 -16.99 7.17 -8.72
CA PRO B 255 -17.46 8.17 -7.81
C PRO B 255 -16.38 9.15 -7.47
N PRO B 256 -16.76 10.33 -6.99
CA PRO B 256 -15.79 11.43 -6.79
C PRO B 256 -14.66 11.13 -5.77
N GLU B 257 -14.93 10.25 -4.83
CA GLU B 257 -13.91 9.81 -3.91
C GLU B 257 -13.00 8.70 -4.50
N ALA B 258 -13.26 8.19 -5.73
CA ALA B 258 -12.43 7.14 -6.33
C ALA B 258 -11.73 7.72 -7.52
N GLN B 259 -11.02 8.78 -7.27
CA GLN B 259 -10.51 9.58 -8.32
C GLN B 259 -9.31 8.94 -9.07
N ASN B 260 -8.65 7.98 -8.45
CA ASN B 260 -7.54 7.27 -9.06
C ASN B 260 -7.85 5.83 -9.38
N ASP B 261 -9.12 5.46 -9.35
CA ASP B 261 -9.52 4.08 -9.65
C ASP B 261 -9.58 3.97 -11.13
N PHE B 262 -9.41 2.76 -11.61
CA PHE B 262 -9.52 2.46 -13.05
C PHE B 262 -9.90 0.99 -13.19
N PRO B 263 -10.28 0.56 -14.39
CA PRO B 263 -10.73 -0.81 -14.56
C PRO B 263 -9.52 -1.70 -14.53
N VAL B 264 -9.58 -2.81 -13.82
CA VAL B 264 -8.54 -3.80 -13.87
C VAL B 264 -8.90 -5.13 -14.38
N ALA B 265 -10.16 -5.48 -14.48
CA ALA B 265 -10.46 -6.82 -14.96
C ALA B 265 -11.79 -6.88 -15.61
N MET B 266 -11.88 -7.75 -16.58
CA MET B 266 -13.15 -7.92 -17.21
C MET B 266 -13.33 -9.39 -17.46
N GLN B 267 -14.55 -9.89 -17.24
CA GLN B 267 -14.90 -11.21 -17.76
C GLN B 267 -16.29 -11.08 -18.27
N ILE B 268 -16.56 -11.82 -19.29
CA ILE B 268 -17.86 -11.77 -19.90
C ILE B 268 -18.51 -13.11 -19.72
N SER B 269 -19.72 -13.18 -19.23
CA SER B 269 -20.50 -14.40 -19.28
C SER B 269 -21.23 -14.57 -20.61
N GLU B 270 -20.92 -15.62 -21.35
CA GLU B 270 -21.71 -15.88 -22.56
C GLU B 270 -22.96 -16.67 -22.24
N LYS B 271 -23.09 -17.19 -21.05
CA LYS B 271 -24.35 -17.76 -20.57
C LYS B 271 -25.49 -16.71 -20.39
N HIS B 272 -25.12 -15.55 -19.92
CA HIS B 272 -26.07 -14.48 -19.64
C HIS B 272 -25.85 -13.24 -20.52
N ASP B 273 -24.79 -13.26 -21.32
CA ASP B 273 -24.39 -12.10 -22.12
C ASP B 273 -24.30 -10.86 -21.27
N VAL B 274 -23.49 -10.96 -20.21
CA VAL B 274 -23.25 -9.90 -19.31
C VAL B 274 -21.76 -9.66 -19.21
N VAL B 275 -21.36 -8.41 -19.08
CA VAL B 275 -19.96 -8.04 -18.85
C VAL B 275 -19.77 -7.73 -17.36
N PHE B 276 -18.81 -8.39 -16.72
CA PHE B 276 -18.37 -8.06 -15.35
C PHE B 276 -17.10 -7.24 -15.44
N LEU B 277 -17.11 -6.08 -14.82
CA LEU B 277 -15.97 -5.23 -14.78
C LEU B 277 -15.62 -4.94 -13.34
N ILE B 278 -14.34 -5.12 -13.01
CA ILE B 278 -13.87 -4.84 -11.69
C ILE B 278 -12.79 -3.79 -11.80
N THR B 279 -12.88 -2.83 -10.92
CA THR B 279 -11.90 -1.78 -10.83
C THR B 279 -10.84 -2.13 -9.77
N LYS B 280 -9.76 -1.39 -9.84
CA LYS B 280 -8.60 -1.70 -9.01
C LYS B 280 -8.96 -1.61 -7.54
N TYR B 281 -9.77 -0.64 -7.18
CA TYR B 281 -10.09 -0.43 -5.79
C TYR B 281 -11.41 -1.11 -5.37
N GLY B 282 -11.82 -2.10 -6.13
CA GLY B 282 -12.77 -3.04 -5.65
C GLY B 282 -14.22 -2.79 -5.98
N TYR B 283 -14.52 -2.08 -7.06
CA TYR B 283 -15.91 -1.86 -7.45
C TYR B 283 -16.25 -2.88 -8.54
N ILE B 284 -17.46 -3.44 -8.49
CA ILE B 284 -17.97 -4.35 -9.51
C ILE B 284 -19.06 -3.61 -10.33
N HIS B 285 -18.98 -3.71 -11.65
CA HIS B 285 -20.02 -3.22 -12.56
C HIS B 285 -20.48 -4.38 -13.40
N LEU B 286 -21.78 -4.42 -13.69
CA LEU B 286 -22.33 -5.34 -14.65
C LEU B 286 -22.95 -4.54 -15.77
N TYR B 287 -22.71 -4.98 -16.98
CA TYR B 287 -23.28 -4.39 -18.14
C TYR B 287 -23.87 -5.46 -19.01
N ASP B 288 -24.93 -5.10 -19.71
CA ASP B 288 -25.41 -5.95 -20.77
C ASP B 288 -24.43 -5.93 -21.92
N LEU B 289 -24.07 -7.08 -22.43
CA LEU B 289 -23.18 -7.21 -23.57
C LEU B 289 -23.78 -6.68 -24.90
N GLU B 290 -25.10 -6.79 -25.01
CA GLU B 290 -25.78 -6.54 -26.24
C GLU B 290 -25.93 -5.04 -26.41
N THR B 291 -26.35 -4.36 -25.32
CA THR B 291 -26.66 -2.95 -25.40
C THR B 291 -25.68 -2.09 -24.67
N GLY B 292 -24.90 -2.69 -23.80
CA GLY B 292 -24.04 -1.90 -23.00
C GLY B 292 -24.73 -1.28 -21.81
N THR B 293 -26.01 -1.51 -21.60
CA THR B 293 -26.65 -0.96 -20.44
C THR B 293 -25.98 -1.43 -19.15
N CYS B 294 -25.75 -0.50 -18.23
CA CYS B 294 -25.27 -0.78 -16.90
C CYS B 294 -26.40 -1.31 -16.06
N ILE B 295 -26.26 -2.57 -15.66
CA ILE B 295 -27.22 -3.26 -14.79
C ILE B 295 -27.01 -3.01 -13.29
N TYR B 296 -25.77 -2.98 -12.83
CA TYR B 296 -25.49 -2.87 -11.42
C TYR B 296 -24.09 -2.38 -11.20
N MET B 297 -23.93 -1.60 -10.15
CA MET B 297 -22.62 -1.29 -9.61
C MET B 297 -22.64 -1.33 -8.12
N ASN B 298 -21.50 -1.65 -7.54
CA ASN B 298 -21.38 -1.58 -6.10
C ASN B 298 -19.96 -1.93 -5.78
N ARG B 299 -19.62 -1.92 -4.53
CA ARG B 299 -18.26 -2.10 -4.14
C ARG B 299 -18.24 -3.43 -3.48
N ILE B 300 -17.35 -4.30 -3.91
CA ILE B 300 -17.31 -5.63 -3.34
C ILE B 300 -16.04 -5.95 -2.54
N SER B 301 -15.02 -5.11 -2.61
CA SER B 301 -13.76 -5.38 -1.91
C SER B 301 -13.14 -4.07 -1.43
N GLY B 302 -12.76 -4.01 -0.19
CA GLY B 302 -11.96 -2.91 0.33
C GLY B 302 -10.52 -2.98 -0.13
N GLU B 303 -10.00 -4.16 -0.44
CA GLU B 303 -8.63 -4.25 -0.87
C GLU B 303 -8.59 -4.38 -2.38
N THR B 304 -7.44 -4.06 -2.96
CA THR B 304 -7.27 -4.04 -4.39
C THR B 304 -7.31 -5.43 -4.93
N ILE B 305 -7.88 -5.53 -6.08
CA ILE B 305 -7.99 -6.80 -6.72
C ILE B 305 -7.01 -6.79 -7.85
N PHE B 306 -6.22 -7.85 -7.97
CA PHE B 306 -5.12 -7.87 -8.91
C PHE B 306 -5.15 -9.03 -9.87
N VAL B 307 -6.07 -9.96 -9.72
CA VAL B 307 -6.12 -11.09 -10.66
C VAL B 307 -7.56 -11.60 -10.66
N THR B 308 -8.08 -11.97 -11.84
CA THR B 308 -9.39 -12.58 -11.98
C THR B 308 -9.35 -13.72 -13.01
N ALA B 309 -10.40 -14.52 -13.01
CA ALA B 309 -10.62 -15.53 -13.99
C ALA B 309 -12.12 -15.68 -14.13
N PRO B 310 -12.54 -16.33 -15.20
CA PRO B 310 -13.90 -16.75 -15.29
C PRO B 310 -14.18 -17.78 -14.22
N HIS B 311 -15.36 -17.67 -13.66
CA HIS B 311 -15.83 -18.61 -12.66
C HIS B 311 -16.80 -19.51 -13.40
N GLU B 312 -16.28 -20.64 -13.82
CA GLU B 312 -16.94 -21.49 -14.77
C GLU B 312 -18.30 -21.95 -14.28
N ALA B 313 -18.37 -22.40 -13.05
CA ALA B 313 -19.58 -23.01 -12.57
C ALA B 313 -20.79 -22.08 -12.74
N THR B 314 -20.60 -20.77 -12.50
CA THR B 314 -21.69 -19.83 -12.47
C THR B 314 -21.61 -18.95 -13.70
N ALA B 315 -20.58 -19.11 -14.48
CA ALA B 315 -20.27 -18.17 -15.54
C ALA B 315 -20.12 -16.76 -15.04
N GLY B 316 -19.47 -16.60 -13.90
CA GLY B 316 -19.19 -15.28 -13.38
C GLY B 316 -17.72 -14.97 -13.40
N ILE B 317 -17.31 -14.25 -12.37
CA ILE B 317 -15.95 -13.81 -12.30
C ILE B 317 -15.47 -14.12 -10.88
N ILE B 318 -14.26 -14.63 -10.81
CA ILE B 318 -13.64 -14.95 -9.53
C ILE B 318 -12.33 -14.17 -9.45
N GLY B 319 -11.96 -13.72 -8.26
CA GLY B 319 -10.70 -12.99 -8.14
C GLY B 319 -10.13 -12.98 -6.74
N VAL B 320 -8.92 -12.41 -6.66
CA VAL B 320 -8.16 -12.41 -5.42
C VAL B 320 -7.82 -10.96 -5.13
N ASN B 321 -8.07 -10.55 -3.89
CA ASN B 321 -7.55 -9.29 -3.44
C ASN B 321 -6.31 -9.40 -2.58
N ARG B 322 -5.70 -8.24 -2.25
CA ARG B 322 -4.38 -8.19 -1.62
C ARG B 322 -4.42 -8.70 -0.22
N LYS B 323 -5.60 -8.74 0.36
CA LYS B 323 -5.81 -9.36 1.63
C LYS B 323 -5.75 -10.90 1.52
N GLY B 324 -5.94 -11.42 0.33
CA GLY B 324 -6.02 -12.84 0.14
C GLY B 324 -7.42 -13.39 0.20
N GLN B 325 -8.47 -12.56 0.18
CA GLN B 325 -9.83 -13.09 -0.10
C GLN B 325 -10.00 -13.51 -1.52
N VAL B 326 -10.58 -14.67 -1.70
CA VAL B 326 -10.96 -15.17 -3.01
C VAL B 326 -12.44 -14.99 -3.13
N LEU B 327 -12.82 -14.10 -4.04
CA LEU B 327 -14.19 -13.62 -4.16
C LEU B 327 -14.73 -13.87 -5.57
N SER B 328 -16.02 -14.20 -5.66
CA SER B 328 -16.68 -14.32 -6.91
C SER B 328 -17.98 -13.48 -6.92
N VAL B 329 -18.32 -13.08 -8.14
CA VAL B 329 -19.57 -12.47 -8.48
C VAL B 329 -20.11 -13.19 -9.71
N CYS B 330 -21.37 -13.58 -9.62
CA CYS B 330 -22.10 -14.03 -10.80
C CYS B 330 -23.50 -13.43 -10.80
N VAL B 331 -24.16 -13.63 -11.90
CA VAL B 331 -25.54 -13.28 -11.99
C VAL B 331 -26.37 -14.17 -11.09
N GLU B 332 -27.22 -13.53 -10.29
CA GLU B 332 -28.26 -14.21 -9.52
C GLU B 332 -29.48 -14.44 -10.45
N GLU B 333 -29.59 -15.65 -10.97
CA GLU B 333 -30.57 -15.95 -11.97
C GLU B 333 -32.02 -15.77 -11.58
N GLU B 334 -32.36 -15.78 -10.30
CA GLU B 334 -33.76 -15.66 -9.91
C GLU B 334 -34.10 -14.21 -9.72
N ASN B 335 -33.09 -13.37 -9.53
CA ASN B 335 -33.30 -11.99 -9.20
C ASN B 335 -33.04 -11.02 -10.33
N ILE B 336 -32.18 -11.40 -11.28
CA ILE B 336 -31.73 -10.38 -12.19
C ILE B 336 -32.90 -9.73 -12.96
N ILE B 337 -33.88 -10.51 -13.42
CA ILE B 337 -34.94 -9.95 -14.25
C ILE B 337 -35.87 -9.03 -13.46
N PRO B 338 -36.39 -9.49 -12.33
CA PRO B 338 -37.13 -8.50 -11.51
C PRO B 338 -36.32 -7.25 -11.05
N TYR B 339 -35.03 -7.42 -10.80
CA TYR B 339 -34.18 -6.29 -10.51
C TYR B 339 -34.23 -5.24 -11.59
N ILE B 340 -33.99 -5.69 -12.78
CA ILE B 340 -34.00 -4.82 -13.93
C ILE B 340 -35.37 -4.20 -14.20
N THR B 341 -36.43 -4.98 -13.99
CA THR B 341 -37.76 -4.49 -14.20
C THR B 341 -38.06 -3.44 -13.11
N ASN B 342 -37.82 -3.81 -11.87
CA ASN B 342 -38.33 -3.00 -10.77
C ASN B 342 -37.39 -1.95 -10.21
N VAL B 343 -36.09 -2.22 -10.19
CA VAL B 343 -35.18 -1.24 -9.60
C VAL B 343 -34.71 -0.33 -10.71
N LEU B 344 -34.26 -0.91 -11.84
CA LEU B 344 -33.79 -0.11 -12.94
C LEU B 344 -34.91 0.45 -13.74
N GLN B 345 -36.09 -0.14 -13.59
CA GLN B 345 -37.28 0.25 -14.30
C GLN B 345 -37.08 0.22 -15.78
N ASN B 346 -36.49 -0.90 -16.24
CA ASN B 346 -36.22 -1.08 -17.60
C ASN B 346 -36.83 -2.43 -18.06
N PRO B 347 -38.17 -2.47 -18.23
CA PRO B 347 -38.85 -3.66 -18.75
C PRO B 347 -38.34 -4.14 -20.09
N ASP B 348 -37.86 -3.25 -20.95
CA ASP B 348 -37.35 -3.67 -22.24
C ASP B 348 -36.16 -4.53 -22.12
N LEU B 349 -35.21 -4.10 -21.28
CA LEU B 349 -34.02 -4.89 -21.10
C LEU B 349 -34.41 -6.16 -20.34
N ALA B 350 -35.29 -6.03 -19.36
CA ALA B 350 -35.63 -7.20 -18.55
C ALA B 350 -36.13 -8.29 -19.47
N LEU B 351 -37.02 -7.89 -20.39
CA LEU B 351 -37.72 -8.84 -21.20
C LEU B 351 -36.79 -9.44 -22.20
N ARG B 352 -35.93 -8.61 -22.72
CA ARG B 352 -34.96 -9.07 -23.66
C ARG B 352 -34.06 -10.12 -23.03
N MET B 353 -33.55 -9.85 -21.87
CA MET B 353 -32.62 -10.78 -21.22
C MET B 353 -33.31 -12.07 -20.84
N ALA B 354 -34.54 -11.92 -20.36
CA ALA B 354 -35.30 -13.08 -19.96
C ALA B 354 -35.40 -14.05 -21.12
N VAL B 355 -35.76 -13.62 -22.32
CA VAL B 355 -35.94 -14.55 -23.40
C VAL B 355 -34.62 -14.91 -24.07
N ARG B 356 -33.71 -13.94 -24.11
CA ARG B 356 -32.42 -14.16 -24.71
C ARG B 356 -31.62 -15.23 -23.92
N ASN B 357 -31.66 -15.23 -22.62
CA ASN B 357 -30.87 -16.15 -21.83
C ASN B 357 -31.73 -17.08 -20.97
N ASN B 358 -32.99 -17.21 -21.28
CA ASN B 358 -33.88 -18.15 -20.57
C ASN B 358 -33.92 -17.96 -19.08
N LEU B 359 -34.20 -16.73 -18.66
CA LEU B 359 -34.29 -16.41 -17.24
C LEU B 359 -35.71 -16.16 -16.85
N ALA B 360 -36.03 -16.53 -15.62
CA ALA B 360 -37.36 -16.38 -15.10
C ALA B 360 -37.51 -14.92 -14.67
N GLY B 361 -38.77 -14.44 -14.61
CA GLY B 361 -39.10 -13.19 -13.91
C GLY B 361 -39.81 -12.14 -14.71
N ALA B 362 -39.86 -12.33 -16.04
CA ALA B 362 -40.45 -11.32 -16.92
C ALA B 362 -41.86 -11.72 -17.33
N GLU B 363 -42.47 -12.61 -16.53
CA GLU B 363 -43.85 -13.02 -16.66
C GLU B 363 -44.69 -11.86 -16.21
N GLU B 364 -44.09 -10.99 -15.42
CA GLU B 364 -44.71 -9.76 -15.01
C GLU B 364 -43.76 -8.56 -14.93
N LEU B 365 -44.08 -7.54 -15.71
CA LEU B 365 -43.22 -6.40 -15.98
C LEU B 365 -43.82 -5.10 -15.41
N SER C 1 9.64 33.58 41.53
CA SER C 1 11.06 33.24 41.28
C SER C 1 11.22 32.58 39.89
N ASP C 2 11.51 33.38 38.90
CA ASP C 2 11.78 32.91 37.54
C ASP C 2 12.92 31.88 37.48
N ILE C 3 12.73 30.84 36.67
CA ILE C 3 13.77 29.84 36.40
C ILE C 3 14.50 30.08 35.06
N LEU C 4 14.11 31.14 34.36
CA LEU C 4 14.84 31.70 33.24
C LEU C 4 15.21 33.09 33.60
N PHE C 5 16.47 33.46 33.37
CA PHE C 5 16.98 34.82 33.62
C PHE C 5 17.50 35.49 32.34
N PRO C 6 17.69 36.83 32.38
CA PRO C 6 18.40 37.62 31.31
C PRO C 6 19.88 37.21 31.07
N ALA C 7 20.49 37.57 29.93
CA ALA C 7 21.81 36.97 29.54
C ALA C 7 23.02 37.31 30.46
N SER D 1 18.41 -28.99 -16.58
CA SER D 1 18.45 -28.67 -15.12
C SER D 1 17.09 -28.10 -14.63
N ASP D 2 16.32 -28.92 -13.90
CA ASP D 2 14.92 -28.56 -13.56
C ASP D 2 14.77 -27.38 -12.57
N ILE D 3 13.71 -26.57 -12.77
CA ILE D 3 13.38 -25.45 -11.87
C ILE D 3 12.19 -25.80 -10.99
N LEU D 4 11.68 -27.03 -11.13
CA LEU D 4 10.74 -27.67 -10.19
C LEU D 4 11.36 -28.97 -9.67
N PHE D 5 11.23 -29.25 -8.37
CA PHE D 5 11.76 -30.48 -7.71
C PHE D 5 10.62 -31.15 -6.91
N PRO D 6 10.80 -32.43 -6.42
CA PRO D 6 9.77 -33.01 -5.47
C PRO D 6 9.78 -32.42 -4.01
N ALA D 7 8.92 -32.90 -3.11
CA ALA D 7 8.37 -32.07 -1.99
C ALA D 7 9.35 -31.29 -1.04
N ASP E 2 26.88 -0.37 3.59
CA ASP E 2 27.89 0.25 4.51
C ASP E 2 27.20 1.38 5.28
N ILE E 3 27.62 2.64 5.03
CA ILE E 3 26.97 3.82 5.60
C ILE E 3 26.81 4.89 4.50
N LEU E 4 25.67 5.59 4.52
CA LEU E 4 25.52 6.79 3.72
C LEU E 4 26.26 7.91 4.39
N PHE E 5 26.74 8.81 3.54
CA PHE E 5 27.40 10.01 3.96
C PHE E 5 26.55 11.16 3.44
N PRO E 6 26.41 12.23 4.25
CA PRO E 6 25.49 13.33 3.94
C PRO E 6 25.95 14.36 2.89
N ALA E 7 25.02 14.93 2.11
CA ALA E 7 25.25 16.23 1.41
C ALA E 7 25.35 17.37 2.44
N ASP F 2 -22.56 1.61 0.17
CA ASP F 2 -21.59 0.93 1.09
C ASP F 2 -20.74 -0.12 0.37
N ILE F 3 -20.14 -1.04 1.11
CA ILE F 3 -19.61 -2.26 0.52
C ILE F 3 -20.76 -3.28 0.55
N LEU F 4 -20.63 -4.32 -0.25
CA LEU F 4 -21.38 -5.56 -0.07
C LEU F 4 -20.56 -6.56 0.74
N PHE F 5 -21.27 -7.45 1.40
CA PHE F 5 -20.64 -8.52 2.16
C PHE F 5 -21.05 -9.85 1.58
N PRO F 6 -20.09 -10.78 1.48
CA PRO F 6 -20.35 -12.04 0.76
C PRO F 6 -21.03 -13.16 1.57
N ALA F 7 -21.88 -13.99 0.95
CA ALA F 7 -22.17 -15.37 1.49
C ALA F 7 -20.90 -16.26 1.58
C1 GOL G . -1.98 18.64 38.07
O1 GOL G . -2.16 20.05 38.10
C2 GOL G . -1.40 18.07 39.37
O2 GOL G . -0.79 19.06 40.17
C3 GOL G . -0.54 16.88 39.01
O3 GOL G . 0.73 16.70 39.60
#